data_4L64
#
_entry.id   4L64
#
_cell.length_a   76.862
_cell.length_b   99.124
_cell.length_c   100.719
_cell.angle_alpha   90.00
_cell.angle_beta   90.00
_cell.angle_gamma   90.00
#
_symmetry.space_group_name_H-M   'P 21 21 21'
#
loop_
_entity.id
_entity.type
_entity.pdbx_description
1 polymer '5-methyltetrahydropteroyltriglutamate--homocysteine methyltransferase'
2 non-polymer 'ZINC ION'
3 non-polymer '5-METHYL-5,6,7,8-TETRAHYDROFOLIC ACID'
4 water water
#
_entity_poly.entity_id   1
_entity_poly.type   'polypeptide(L)'
_entity_poly.pdbx_seq_one_letter_code
;MHHHHHHSSGVDLGTENLYFQSMVQSSVLGFPRIGGQRELKKITEAYWSGKATVEELLAKGKELREHNWKLQQKAGVDII
PSNDFSYYDQVLDLSLLFNAIPERYTKFDLAPIDVLFAMGRGLQAAATATQAAVDVTALEMVKWFDSNYHYVRPTFSHST
EFKLNTAAGIKPVDEFNEAKALGVQTRPVILGPVSYLYLGKADKDSLDLEPISLLPKILPVYKELLQKLKEAGAEQVQID
EPVLVLDLPEAVQSKFKEAYDALVGADVPELILTTYFGDVRPNLKAIENLPVAGFHFDFVRVPEQLDEVASILKDGQTLS
AGVVDGRNIWKTDFAKASAVVQKAIEKVGKDKVVVATSSSLLHTPVDLESETKLDAVIKDWFSFATQKLDEVVVIAKNVS
GEDVSKQLEANAASIKARSESSITNDPKVQERLTTINEALATRKAAFPERLTEQKAKYNLPLFPTTTIGSFPQTKDIRIN
RNKFAKGQITAEEYEAFINKEIETVVRFQEEIGLDVLVHGEPERNDMVQYFGEQLNGFAFTTNGWVQSYGSRYVRPPIIV
GDVSRPKAMTVKESVYAQSITSKPMKGMLTGPVTILRWSFPRDDVSGKIQALQLGLALRDEVNDLEGAGITVIQVDEPAI
REGLPLRAGKERSDYLNWAAQSFRVATSGVENSTQIHSHFCYSDLDPNHIKALDADVVSIEFSKKDDPNYIQEFSEYPNH
IGLGLFDIHSPRIPSKQEFVSRIEEILKVYPASKFWVNPDCGLKTRGWPEVKESLTNMVEAAKEFRAKY
;
_entity_poly.pdbx_strand_id   A
#
loop_
_chem_comp.id
_chem_comp.type
_chem_comp.name
_chem_comp.formula
C2F non-polymer '5-METHYL-5,6,7,8-TETRAHYDROFOLIC ACID' 'C20 H25 N7 O6'
ZN non-polymer 'ZINC ION' 'Zn 2'
#
# COMPACT_ATOMS: atom_id res chain seq x y z
N MET A 23 37.03 -4.89 -6.83
CA MET A 23 36.09 -4.49 -5.75
C MET A 23 34.71 -4.19 -6.34
N VAL A 24 33.74 -4.98 -5.91
CA VAL A 24 32.34 -4.86 -6.34
C VAL A 24 31.67 -3.65 -5.60
N GLN A 25 31.01 -2.77 -6.33
CA GLN A 25 30.40 -1.57 -5.74
C GLN A 25 29.09 -1.87 -5.03
N SER A 26 28.72 -1.00 -4.11
CA SER A 26 27.41 -1.09 -3.50
C SER A 26 26.54 0.06 -3.95
N SER A 27 25.20 -0.16 -3.94
CA SER A 27 24.26 0.79 -4.52
C SER A 27 22.96 0.82 -3.75
N VAL A 28 22.35 1.99 -3.63
CA VAL A 28 21.07 2.18 -2.98
C VAL A 28 20.18 2.91 -3.98
N LEU A 29 18.99 2.38 -4.23
CA LEU A 29 18.12 2.94 -5.26
C LEU A 29 17.33 4.16 -4.84
N GLY A 30 17.29 4.46 -3.55
CA GLY A 30 16.52 5.63 -3.09
C GLY A 30 16.48 5.50 -1.57
N PHE A 31 16.24 6.60 -0.87
CA PHE A 31 16.30 6.54 0.61
C PHE A 31 15.02 7.17 1.10
N PRO A 32 14.38 6.63 2.18
CA PRO A 32 13.13 7.28 2.61
C PRO A 32 13.40 8.71 3.06
N ARG A 33 12.50 9.65 2.76
CA ARG A 33 12.78 11.08 2.99
C ARG A 33 12.06 11.73 4.15
N ILE A 34 11.24 10.97 4.86
CA ILE A 34 10.36 11.51 5.88
C ILE A 34 11.08 11.99 7.10
N GLY A 35 12.28 11.45 7.34
CA GLY A 35 13.08 11.88 8.49
C GLY A 35 12.92 10.94 9.65
N GLY A 36 14.00 10.73 10.38
CA GLY A 36 13.97 9.82 11.51
C GLY A 36 12.96 10.23 12.56
N GLN A 37 12.59 11.52 12.61
CA GLN A 37 11.58 12.00 13.56
C GLN A 37 10.36 12.57 12.82
N ARG A 38 10.13 12.11 11.59
CA ARG A 38 9.04 12.61 10.77
C ARG A 38 9.14 14.12 10.56
N GLU A 39 10.38 14.62 10.42
CA GLU A 39 10.60 16.06 10.24
C GLU A 39 9.89 16.51 8.97
N LEU A 40 9.76 15.65 7.96
CA LEU A 40 9.21 16.13 6.65
C LEU A 40 7.74 16.40 6.73
N LYS A 41 7.04 15.47 7.40
CA LYS A 41 5.62 15.64 7.73
C LYS A 41 5.42 16.92 8.52
N LYS A 42 6.16 17.07 9.60
CA LYS A 42 5.95 18.23 10.46
C LYS A 42 6.18 19.51 9.65
N ILE A 43 7.28 19.62 8.90
CA ILE A 43 7.55 20.87 8.16
C ILE A 43 6.55 21.12 7.02
N THR A 44 6.10 20.08 6.33
CA THR A 44 5.19 20.30 5.21
C THR A 44 3.81 20.71 5.69
N GLU A 45 3.37 20.09 6.79
CA GLU A 45 2.03 20.36 7.30
C GLU A 45 1.98 21.76 7.92
N ALA A 46 3.04 22.14 8.63
CA ALA A 46 3.27 23.53 9.03
C ALA A 46 3.21 24.48 7.83
N TYR A 47 3.91 24.15 6.75
CA TYR A 47 3.89 25.05 5.61
C TYR A 47 2.45 25.18 5.10
N TRP A 48 1.72 24.07 5.02
CA TRP A 48 0.37 24.09 4.47
C TRP A 48 -0.64 24.82 5.33
N SER A 49 -0.45 24.82 6.65
CA SER A 49 -1.37 25.49 7.56
C SER A 49 -0.93 26.93 7.86
N GLY A 50 0.07 27.43 7.13
CA GLY A 50 0.47 28.81 7.31
C GLY A 50 1.40 29.04 8.47
N LYS A 51 1.75 28.00 9.26
CA LYS A 51 2.72 28.19 10.38
C LYS A 51 4.19 28.37 9.90
N ALA A 52 4.59 27.77 8.79
CA ALA A 52 5.97 27.93 8.31
C ALA A 52 6.01 28.59 6.94
N THR A 53 7.12 29.29 6.69
CA THR A 53 7.36 29.94 5.41
C THR A 53 7.99 28.98 4.44
N VAL A 54 7.89 29.34 3.16
CA VAL A 54 8.44 28.54 2.10
C VAL A 54 9.97 28.36 2.25
N GLU A 55 10.69 29.38 2.72
CA GLU A 55 12.15 29.28 2.98
C GLU A 55 12.50 28.29 4.10
N GLU A 56 11.63 28.24 5.10
CA GLU A 56 11.72 27.30 6.20
C GLU A 56 11.45 25.91 5.67
N LEU A 57 10.49 25.81 4.77
CA LEU A 57 10.23 24.53 4.10
C LEU A 57 11.51 24.06 3.39
N LEU A 58 12.01 24.90 2.50
CA LEU A 58 13.18 24.54 1.69
C LEU A 58 14.43 24.24 2.55
N ALA A 59 14.58 24.93 3.67
CA ALA A 59 15.77 24.79 4.50
C ALA A 59 15.71 23.39 5.15
N LYS A 60 14.51 22.97 5.54
CA LYS A 60 14.33 21.67 6.15
C LYS A 60 14.58 20.58 5.12
N GLY A 61 14.04 20.73 3.91
CA GLY A 61 14.34 19.79 2.87
C GLY A 61 15.84 19.59 2.62
N LYS A 62 16.59 20.67 2.54
CA LYS A 62 17.99 20.64 2.24
C LYS A 62 18.75 19.97 3.37
N GLU A 63 18.34 20.25 4.59
CA GLU A 63 18.91 19.59 5.76
C GLU A 63 18.65 18.07 5.81
N LEU A 64 17.40 17.69 5.51
CA LEU A 64 17.11 16.27 5.29
C LEU A 64 18.00 15.59 4.21
N ARG A 65 18.06 16.16 3.04
CA ARG A 65 18.87 15.56 1.95
C ARG A 65 20.34 15.37 2.32
N GLU A 66 20.89 16.41 2.91
CA GLU A 66 22.29 16.42 3.29
C GLU A 66 22.55 15.36 4.36
N HIS A 67 21.76 15.39 5.38
CA HIS A 67 21.80 14.35 6.43
C HIS A 67 21.75 12.90 5.82
N ASN A 68 20.80 12.64 4.91
CA ASN A 68 20.70 11.34 4.27
C ASN A 68 21.83 10.97 3.34
N TRP A 69 22.43 11.94 2.68
CA TRP A 69 23.58 11.66 1.82
C TRP A 69 24.76 11.31 2.65
N LYS A 70 24.94 12.07 3.74
CA LYS A 70 26.14 11.93 4.55
C LYS A 70 26.06 10.55 5.26
N LEU A 71 24.87 10.13 5.60
CA LEU A 71 24.64 8.83 6.21
C LEU A 71 25.08 7.70 5.30
N GLN A 72 24.69 7.82 4.04
CA GLN A 72 25.00 6.85 3.03
C GLN A 72 26.48 6.80 2.72
N GLN A 73 27.09 7.97 2.66
CA GLN A 73 28.56 8.04 2.42
C GLN A 73 29.32 7.48 3.59
N LYS A 74 28.94 7.89 4.78
CA LYS A 74 29.59 7.35 6.00
C LYS A 74 29.40 5.81 6.04
N ALA A 75 28.26 5.28 5.59
CA ALA A 75 28.15 3.82 5.62
C ALA A 75 29.10 3.21 4.58
N GLY A 76 29.53 4.01 3.60
CA GLY A 76 30.49 3.51 2.56
C GLY A 76 29.75 3.05 1.28
N VAL A 77 28.47 3.38 1.15
CA VAL A 77 27.79 3.09 -0.10
C VAL A 77 28.47 3.78 -1.28
N ASP A 78 28.73 3.05 -2.37
CA ASP A 78 29.42 3.67 -3.55
C ASP A 78 28.47 4.47 -4.43
N ILE A 79 27.31 3.89 -4.74
CA ILE A 79 26.33 4.56 -5.61
C ILE A 79 25.11 5.05 -4.78
N ILE A 80 25.08 6.35 -4.62
CA ILE A 80 24.21 7.04 -3.70
C ILE A 80 23.22 7.89 -4.49
N PRO A 81 21.90 7.72 -4.22
CA PRO A 81 20.96 8.33 -5.10
C PRO A 81 20.72 9.81 -4.81
N SER A 82 20.40 10.59 -5.85
CA SER A 82 19.76 11.89 -5.67
C SER A 82 18.53 11.94 -6.52
N ASN A 83 17.76 13.00 -6.33
CA ASN A 83 16.40 13.20 -6.84
C ASN A 83 15.37 12.20 -6.22
N ASP A 84 15.81 11.35 -5.30
CA ASP A 84 14.89 10.46 -4.61
C ASP A 84 14.07 11.21 -3.53
N PHE A 85 14.57 12.36 -3.09
CA PHE A 85 13.82 13.21 -2.17
C PHE A 85 12.55 13.73 -2.83
N SER A 86 11.48 13.91 -2.04
CA SER A 86 10.31 14.67 -2.49
C SER A 86 9.56 15.27 -1.33
N TYR A 87 8.86 16.37 -1.60
CA TYR A 87 7.98 17.00 -0.65
C TYR A 87 6.59 16.35 -0.65
N TYR A 88 6.31 15.56 -1.69
CA TYR A 88 4.96 14.98 -1.80
C TYR A 88 5.01 13.63 -2.49
N ASP A 89 5.37 13.65 -3.77
CA ASP A 89 5.55 12.41 -4.53
C ASP A 89 6.57 12.61 -5.67
N GLN A 90 7.48 11.64 -5.85
CA GLN A 90 8.48 11.72 -6.92
C GLN A 90 7.86 11.68 -8.34
N VAL A 91 6.77 10.98 -8.56
CA VAL A 91 6.12 11.03 -9.92
C VAL A 91 5.48 12.37 -10.16
N LEU A 92 4.79 12.91 -9.14
CA LEU A 92 4.34 14.32 -9.22
C LEU A 92 5.50 15.27 -9.53
N ASP A 93 6.67 15.10 -8.88
CA ASP A 93 7.83 15.94 -9.17
C ASP A 93 8.17 15.99 -10.66
N LEU A 94 8.11 14.85 -11.31
CA LEU A 94 8.36 14.75 -12.75
C LEU A 94 7.33 15.45 -13.58
N SER A 95 6.06 15.28 -13.23
CA SER A 95 4.98 16.01 -13.90
C SER A 95 5.21 17.51 -13.86
N LEU A 96 5.52 18.06 -12.68
CA LEU A 96 5.90 19.47 -12.58
C LEU A 96 7.14 19.77 -13.45
N LEU A 97 8.12 18.84 -13.51
CA LEU A 97 9.38 19.14 -14.25
C LEU A 97 9.16 19.19 -15.74
N PHE A 98 8.19 18.42 -16.22
CA PHE A 98 7.98 18.25 -17.66
C PHE A 98 6.75 18.99 -18.15
N ASN A 99 6.19 19.82 -17.29
CA ASN A 99 5.04 20.64 -17.60
C ASN A 99 3.81 19.79 -17.93
N ALA A 100 3.69 18.60 -17.31
CA ALA A 100 2.41 17.87 -17.39
C ALA A 100 1.44 18.38 -16.32
N ILE A 101 1.01 19.62 -16.49
CA ILE A 101 0.29 20.40 -15.46
C ILE A 101 -1.05 20.78 -16.11
N PRO A 102 -2.18 20.18 -15.68
CA PRO A 102 -3.43 20.65 -16.32
C PRO A 102 -3.70 22.11 -16.02
N GLU A 103 -4.32 22.79 -16.97
CA GLU A 103 -4.54 24.24 -16.93
C GLU A 103 -5.22 24.74 -15.68
N ARG A 104 -6.22 24.01 -15.21
CA ARG A 104 -7.01 24.49 -14.08
C ARG A 104 -6.07 24.85 -12.92
N TYR A 105 -4.96 24.11 -12.72
CA TYR A 105 -4.04 24.41 -11.58
C TYR A 105 -3.22 25.70 -11.80
N THR A 106 -3.27 26.27 -13.01
CA THR A 106 -2.40 27.39 -13.43
C THR A 106 -3.01 28.78 -13.36
N LYS A 107 -4.30 28.87 -13.01
CA LYS A 107 -5.03 30.13 -13.04
C LYS A 107 -5.13 30.86 -11.69
N PHE A 108 -4.23 30.61 -10.75
CA PHE A 108 -4.32 31.15 -9.39
C PHE A 108 -3.08 31.90 -8.90
N ASP A 109 -2.20 32.24 -9.84
CA ASP A 109 -0.89 32.89 -9.56
C ASP A 109 -0.01 32.17 -8.55
N LEU A 110 -0.05 30.84 -8.54
CA LEU A 110 0.71 30.08 -7.58
C LEU A 110 2.08 29.88 -8.16
N ALA A 111 3.11 30.08 -7.34
CA ALA A 111 4.47 29.71 -7.71
C ALA A 111 4.52 28.19 -7.89
N PRO A 112 5.60 27.68 -8.52
CA PRO A 112 5.52 26.31 -8.94
C PRO A 112 5.39 25.29 -7.80
N ILE A 113 6.04 25.54 -6.66
CA ILE A 113 5.96 24.60 -5.57
C ILE A 113 4.51 24.55 -5.07
N ASP A 114 3.77 25.67 -5.20
CA ASP A 114 2.34 25.66 -4.80
C ASP A 114 1.38 25.07 -5.88
N VAL A 115 1.74 25.19 -7.15
CA VAL A 115 1.08 24.44 -8.23
C VAL A 115 1.21 22.94 -7.88
N LEU A 116 2.44 22.53 -7.58
CA LEU A 116 2.77 21.14 -7.15
C LEU A 116 1.85 20.65 -6.03
N PHE A 117 1.81 21.40 -4.94
CA PHE A 117 0.92 21.04 -3.82
C PHE A 117 -0.54 21.11 -4.22
N ALA A 118 -0.88 22.08 -5.06
CA ALA A 118 -2.27 22.13 -5.51
C ALA A 118 -2.62 20.85 -6.28
N MET A 119 -1.73 20.36 -7.13
CA MET A 119 -2.01 19.11 -7.87
C MET A 119 -2.06 17.91 -6.94
N GLY A 120 -1.21 17.91 -5.91
CA GLY A 120 -1.12 16.80 -4.99
C GLY A 120 -2.27 16.75 -4.02
N ARG A 121 -2.65 17.91 -3.45
CA ARG A 121 -3.70 17.89 -2.40
C ARG A 121 -4.97 18.67 -2.65
N GLY A 122 -5.09 19.29 -3.82
CA GLY A 122 -6.28 20.05 -4.15
C GLY A 122 -6.12 21.50 -3.75
N LEU A 123 -7.15 22.30 -4.02
CA LEU A 123 -7.10 23.72 -3.72
C LEU A 123 -8.48 24.31 -3.46
N GLN A 124 -8.65 24.98 -2.31
CA GLN A 124 -9.90 25.70 -2.03
C GLN A 124 -9.64 27.22 -1.92
N ALA A 125 -10.49 28.05 -2.52
CA ALA A 125 -10.41 29.53 -2.37
C ALA A 125 -11.80 30.11 -2.09
N ALA A 126 -11.90 31.22 -1.34
CA ALA A 126 -13.21 31.71 -0.86
C ALA A 126 -14.17 32.04 -2.00
N GLN A 131 -16.98 35.40 -8.51
CA GLN A 131 -16.90 33.94 -8.65
C GLN A 131 -17.47 33.23 -7.41
N ALA A 132 -17.97 32.03 -7.62
CA ALA A 132 -18.20 31.11 -6.51
C ALA A 132 -16.86 30.51 -6.11
N ALA A 133 -16.87 29.87 -4.94
CA ALA A 133 -15.69 29.33 -4.32
C ALA A 133 -15.00 28.34 -5.25
N VAL A 134 -13.69 28.23 -5.11
CA VAL A 134 -12.94 27.21 -5.80
C VAL A 134 -12.86 26.01 -4.87
N ASP A 135 -13.11 24.82 -5.40
CA ASP A 135 -12.77 23.57 -4.71
C ASP A 135 -12.13 22.70 -5.77
N VAL A 136 -10.89 23.04 -6.15
CA VAL A 136 -10.22 22.30 -7.21
C VAL A 136 -9.62 21.00 -6.65
N THR A 137 -10.11 19.87 -7.13
CA THR A 137 -9.71 18.58 -6.59
C THR A 137 -8.24 18.21 -6.94
N ALA A 138 -7.59 17.49 -6.04
CA ALA A 138 -6.28 16.91 -6.30
C ALA A 138 -6.35 15.97 -7.49
N LEU A 139 -5.24 15.80 -8.19
CA LEU A 139 -5.11 14.64 -9.09
C LEU A 139 -5.23 13.31 -8.32
N GLU A 140 -5.60 12.26 -9.03
CA GLU A 140 -5.83 10.94 -8.50
C GLU A 140 -4.54 10.37 -7.82
N MET A 141 -4.77 9.70 -6.69
N MET A 141 -4.68 9.82 -6.61
CA MET A 141 -3.78 8.95 -5.93
CA MET A 141 -3.60 9.02 -6.02
C MET A 141 -3.86 7.48 -6.38
C MET A 141 -3.84 7.59 -6.53
N VAL A 142 -2.74 6.89 -6.77
CA VAL A 142 -2.73 5.51 -7.27
C VAL A 142 -1.66 4.67 -6.56
N LYS A 143 -2.05 3.44 -6.25
CA LYS A 143 -1.14 2.47 -5.64
C LYS A 143 0.07 2.30 -6.58
N TRP A 144 1.26 2.45 -6.03
CA TRP A 144 2.49 2.21 -6.81
C TRP A 144 2.80 0.70 -6.86
N PHE A 145 2.45 0.05 -7.98
CA PHE A 145 2.50 -1.41 -8.15
C PHE A 145 1.85 -2.09 -6.96
N ASP A 146 2.53 -3.02 -6.30
CA ASP A 146 1.92 -3.71 -5.19
C ASP A 146 2.62 -3.31 -3.91
N SER A 147 3.24 -2.13 -3.91
CA SER A 147 3.83 -1.63 -2.67
C SER A 147 2.72 -0.96 -1.90
N ASN A 148 3.05 -0.43 -0.74
CA ASN A 148 2.04 0.34 0.02
C ASN A 148 2.23 1.85 -0.14
N TYR A 149 3.02 2.26 -1.13
CA TYR A 149 3.15 3.66 -1.48
C TYR A 149 2.09 4.01 -2.56
N HIS A 150 1.70 5.28 -2.56
CA HIS A 150 0.84 5.89 -3.57
C HIS A 150 1.49 7.09 -4.21
N TYR A 151 1.38 7.11 -5.52
CA TYR A 151 1.91 8.16 -6.35
C TYR A 151 0.72 8.95 -6.90
N VAL A 152 1.00 10.15 -7.33
CA VAL A 152 0.04 10.97 -8.03
C VAL A 152 0.08 10.68 -9.54
N ARG A 153 -1.06 10.31 -10.08
CA ARG A 153 -1.18 10.02 -11.51
C ARG A 153 -0.76 11.15 -12.46
N PRO A 154 0.21 10.86 -13.31
CA PRO A 154 0.45 11.76 -14.45
C PRO A 154 -0.80 11.85 -15.35
N THR A 155 -1.17 13.07 -15.69
CA THR A 155 -2.37 13.33 -16.40
C THR A 155 -2.10 14.20 -17.62
N PHE A 156 -2.45 13.70 -18.81
CA PHE A 156 -2.09 14.39 -20.05
C PHE A 156 -3.32 14.77 -20.86
N SER A 157 -3.22 15.85 -21.64
CA SER A 157 -4.20 16.20 -22.66
C SER A 157 -3.58 16.33 -24.04
N HIS A 158 -4.44 16.27 -25.06
CA HIS A 158 -4.04 16.53 -26.46
C HIS A 158 -3.21 17.78 -26.54
N SER A 159 -3.55 18.77 -25.73
CA SER A 159 -2.83 20.04 -25.69
C SER A 159 -1.62 20.10 -24.74
N THR A 160 -1.29 19.00 -24.08
CA THR A 160 -0.10 19.01 -23.23
C THR A 160 1.14 19.34 -24.09
N GLU A 161 1.86 20.40 -23.69
CA GLU A 161 3.14 20.75 -24.23
C GLU A 161 4.18 20.39 -23.17
N PHE A 162 4.88 19.29 -23.37
CA PHE A 162 5.95 18.90 -22.46
C PHE A 162 7.13 19.82 -22.69
N LYS A 163 7.73 20.31 -21.62
CA LYS A 163 8.89 21.22 -21.70
C LYS A 163 9.53 21.32 -20.29
N LEU A 164 10.81 21.66 -20.22
CA LEU A 164 11.48 21.96 -18.94
C LEU A 164 11.11 23.34 -18.49
N ASN A 165 11.04 23.54 -17.18
CA ASN A 165 10.67 24.80 -16.59
C ASN A 165 11.82 25.39 -15.75
N THR A 166 12.74 26.10 -16.39
CA THR A 166 13.98 26.58 -15.73
C THR A 166 13.82 27.41 -14.45
N ALA A 167 12.76 28.22 -14.39
CA ALA A 167 12.55 29.17 -13.27
C ALA A 167 11.84 28.50 -12.07
N ALA A 168 11.19 27.37 -12.32
CA ALA A 168 10.83 26.46 -11.23
C ALA A 168 12.09 25.81 -10.61
N GLY A 169 13.27 25.99 -11.21
CA GLY A 169 14.47 25.24 -10.84
C GLY A 169 14.28 23.86 -11.41
N ILE A 170 15.40 23.23 -11.77
CA ILE A 170 15.39 21.86 -12.30
C ILE A 170 15.76 20.94 -11.17
N LYS A 171 14.76 20.39 -10.48
CA LYS A 171 15.06 19.66 -9.21
C LYS A 171 16.22 18.60 -9.30
N PRO A 172 16.26 17.74 -10.32
CA PRO A 172 17.39 16.76 -10.27
C PRO A 172 18.78 17.41 -10.45
N VAL A 173 18.85 18.53 -11.20
CA VAL A 173 20.12 19.22 -11.38
C VAL A 173 20.53 19.91 -10.08
N ASP A 174 19.58 20.63 -9.47
CA ASP A 174 19.84 21.35 -8.26
C ASP A 174 20.28 20.43 -7.13
N GLU A 175 19.62 19.27 -7.03
CA GLU A 175 19.89 18.34 -5.94
C GLU A 175 21.22 17.66 -6.20
N PHE A 176 21.46 17.26 -7.43
CA PHE A 176 22.77 16.75 -7.78
C PHE A 176 23.89 17.72 -7.38
N ASN A 177 23.74 18.98 -7.71
CA ASN A 177 24.74 19.99 -7.35
C ASN A 177 24.89 20.23 -5.87
N GLU A 178 23.79 20.13 -5.14
CA GLU A 178 23.80 20.33 -3.70
C GLU A 178 24.68 19.22 -3.08
N ALA A 179 24.41 17.97 -3.45
CA ALA A 179 25.20 16.84 -2.95
C ALA A 179 26.66 16.97 -3.40
N LYS A 180 26.87 17.37 -4.63
CA LYS A 180 28.26 17.51 -5.08
C LYS A 180 29.04 18.54 -4.21
N ALA A 181 28.42 19.63 -3.85
CA ALA A 181 29.08 20.67 -3.07
C ALA A 181 29.45 20.19 -1.66
N LEU A 182 28.74 19.17 -1.19
CA LEU A 182 29.06 18.51 0.05
C LEU A 182 30.17 17.50 -0.12
N GLY A 183 30.65 17.33 -1.34
CA GLY A 183 31.62 16.32 -1.65
C GLY A 183 30.99 14.92 -1.77
N VAL A 184 29.71 14.81 -2.15
CA VAL A 184 29.06 13.51 -2.42
C VAL A 184 28.58 13.42 -3.87
N GLN A 185 29.33 12.63 -4.65
CA GLN A 185 28.91 12.28 -6.01
C GLN A 185 27.68 11.37 -5.94
N THR A 186 26.60 11.75 -6.63
CA THR A 186 25.41 10.94 -6.58
C THR A 186 24.99 10.49 -7.96
N ARG A 187 24.05 9.59 -7.98
CA ARG A 187 23.38 9.16 -9.21
C ARG A 187 21.94 9.60 -9.23
N PRO A 188 21.61 10.60 -10.06
CA PRO A 188 20.22 11.03 -10.15
C PRO A 188 19.29 9.86 -10.53
N VAL A 189 18.11 9.80 -9.92
CA VAL A 189 17.08 8.86 -10.27
C VAL A 189 15.88 9.57 -10.90
N ILE A 190 15.50 9.17 -12.11
CA ILE A 190 14.25 9.56 -12.67
C ILE A 190 13.45 8.38 -13.23
N LEU A 191 12.14 8.45 -13.09
CA LEU A 191 11.26 7.58 -13.80
C LEU A 191 11.42 7.78 -15.32
N GLY A 192 11.67 6.67 -15.99
CA GLY A 192 11.89 6.66 -17.45
C GLY A 192 10.63 6.99 -18.24
N PRO A 193 10.78 7.34 -19.54
CA PRO A 193 9.69 7.84 -20.35
C PRO A 193 8.61 6.81 -20.62
N VAL A 194 8.96 5.56 -20.81
CA VAL A 194 7.89 4.58 -21.09
C VAL A 194 7.06 4.38 -19.84
N SER A 195 7.69 4.11 -18.70
CA SER A 195 6.90 3.91 -17.47
C SER A 195 6.08 5.15 -17.09
N TYR A 196 6.69 6.32 -17.23
CA TYR A 196 6.03 7.56 -16.89
C TYR A 196 4.74 7.77 -17.68
N LEU A 197 4.80 7.60 -18.99
CA LEU A 197 3.57 7.77 -19.79
C LEU A 197 2.56 6.64 -19.54
N TYR A 198 3.07 5.44 -19.44
CA TYR A 198 2.18 4.26 -19.35
C TYR A 198 1.42 4.17 -18.03
N LEU A 199 2.02 4.70 -16.97
CA LEU A 199 1.35 4.76 -15.64
C LEU A 199 0.43 5.96 -15.52
N GLY A 200 0.42 6.82 -16.53
CA GLY A 200 -0.38 8.05 -16.53
C GLY A 200 -1.74 7.79 -17.15
N LYS A 201 -2.56 8.83 -17.30
CA LYS A 201 -3.89 8.64 -17.90
C LYS A 201 -4.33 9.87 -18.63
N ALA A 202 -5.29 9.67 -19.50
CA ALA A 202 -5.90 10.75 -20.26
C ALA A 202 -6.77 11.54 -19.33
N ASP A 203 -6.71 12.86 -19.45
CA ASP A 203 -7.61 13.79 -18.74
C ASP A 203 -9.03 13.74 -19.33
N LYS A 204 -9.99 14.32 -18.60
CA LYS A 204 -11.43 14.33 -18.96
C LYS A 204 -11.66 14.89 -20.35
N ASP A 205 -11.05 16.04 -20.64
CA ASP A 205 -11.17 16.71 -21.95
C ASP A 205 -10.41 16.06 -23.11
N SER A 206 -9.81 14.88 -22.89
CA SER A 206 -9.03 14.18 -23.94
C SER A 206 -9.18 12.65 -23.85
N LEU A 207 -10.42 12.21 -23.58
CA LEU A 207 -10.73 10.79 -23.27
C LEU A 207 -10.12 9.74 -24.20
N ASP A 208 -9.91 10.05 -25.48
CA ASP A 208 -9.39 9.07 -26.46
C ASP A 208 -7.86 8.96 -26.56
N LEU A 209 -7.16 9.79 -25.80
CA LEU A 209 -5.72 9.84 -25.90
C LEU A 209 -5.16 8.63 -25.21
N GLU A 210 -4.25 7.94 -25.91
CA GLU A 210 -3.37 6.92 -25.35
C GLU A 210 -2.11 7.57 -24.86
N PRO A 211 -1.86 7.53 -23.54
CA PRO A 211 -0.68 8.25 -23.07
C PRO A 211 0.60 7.86 -23.79
N ILE A 212 0.80 6.58 -24.05
CA ILE A 212 2.06 6.12 -24.64
C ILE A 212 2.32 6.72 -26.01
N SER A 213 1.25 7.11 -26.71
CA SER A 213 1.34 7.82 -27.96
C SER A 213 2.08 9.13 -27.79
N LEU A 214 2.24 9.58 -26.57
CA LEU A 214 2.94 10.86 -26.40
C LEU A 214 4.43 10.74 -26.42
N LEU A 215 4.95 9.52 -26.65
CA LEU A 215 6.39 9.27 -26.52
C LEU A 215 7.30 10.22 -27.35
N PRO A 216 7.06 10.35 -28.67
CA PRO A 216 7.92 11.27 -29.43
C PRO A 216 7.98 12.70 -28.89
N LYS A 217 6.91 13.14 -28.24
CA LYS A 217 6.86 14.49 -27.66
C LYS A 217 7.63 14.61 -26.34
N ILE A 218 7.77 13.51 -25.59
CA ILE A 218 8.39 13.62 -24.30
C ILE A 218 9.87 13.35 -24.41
N LEU A 219 10.28 12.57 -25.40
CA LEU A 219 11.68 12.14 -25.41
C LEU A 219 12.68 13.32 -25.46
N PRO A 220 12.36 14.39 -26.22
CA PRO A 220 13.24 15.58 -26.34
C PRO A 220 13.42 16.28 -25.02
N VAL A 221 12.41 16.20 -24.14
CA VAL A 221 12.50 16.78 -22.82
C VAL A 221 13.39 15.89 -21.92
N TYR A 222 13.23 14.59 -22.01
CA TYR A 222 14.15 13.73 -21.29
C TYR A 222 15.61 13.97 -21.73
N LYS A 223 15.85 14.07 -23.03
CA LYS A 223 17.20 14.22 -23.61
C LYS A 223 17.84 15.48 -23.05
N GLU A 224 17.08 16.59 -23.08
CA GLU A 224 17.52 17.88 -22.59
C GLU A 224 17.88 17.77 -21.11
N LEU A 225 17.02 17.12 -20.36
CA LEU A 225 17.26 16.96 -18.92
C LEU A 225 18.55 16.21 -18.72
N LEU A 226 18.75 15.13 -19.49
CA LEU A 226 19.95 14.30 -19.35
C LEU A 226 21.22 15.04 -19.71
N GLN A 227 21.14 15.88 -20.75
CA GLN A 227 22.29 16.72 -21.13
C GLN A 227 22.67 17.70 -20.01
N LYS A 228 21.69 18.39 -19.40
CA LYS A 228 21.92 19.26 -18.23
C LYS A 228 22.48 18.47 -17.03
N LEU A 229 22.06 17.23 -16.86
CA LEU A 229 22.62 16.44 -15.75
C LEU A 229 24.08 16.11 -16.04
N LYS A 230 24.39 15.89 -17.32
CA LYS A 230 25.74 15.60 -17.74
C LYS A 230 26.65 16.80 -17.57
N GLU A 231 26.19 17.93 -18.06
CA GLU A 231 26.94 19.16 -17.94
C GLU A 231 27.17 19.48 -16.46
N ALA A 232 26.24 19.15 -15.54
CA ALA A 232 26.52 19.44 -14.13
C ALA A 232 27.55 18.51 -13.52
N GLY A 233 27.95 17.45 -14.23
CA GLY A 233 28.87 16.45 -13.64
C GLY A 233 28.31 15.06 -13.39
N ALA A 234 27.04 14.82 -13.67
CA ALA A 234 26.49 13.51 -13.43
C ALA A 234 27.03 12.48 -14.46
N GLU A 235 27.65 11.39 -14.02
CA GLU A 235 28.19 10.40 -14.96
C GLU A 235 27.30 9.21 -15.21
N GLN A 236 26.44 8.88 -14.23
CA GLN A 236 25.41 7.83 -14.40
C GLN A 236 24.09 8.34 -13.90
N VAL A 237 23.01 7.83 -14.49
CA VAL A 237 21.72 8.10 -14.02
C VAL A 237 20.95 6.79 -13.90
N GLN A 238 20.19 6.66 -12.81
CA GLN A 238 19.27 5.50 -12.66
C GLN A 238 17.95 5.86 -13.29
N ILE A 239 17.55 5.15 -14.34
CA ILE A 239 16.34 5.46 -15.06
C ILE A 239 15.40 4.25 -14.83
N ASP A 240 14.30 4.50 -14.10
CA ASP A 240 13.42 3.45 -13.63
C ASP A 240 12.42 3.16 -14.69
N GLU A 241 12.37 1.86 -15.05
CA GLU A 241 11.38 1.34 -15.96
C GLU A 241 10.68 0.17 -15.37
N PRO A 242 9.97 0.44 -14.27
CA PRO A 242 9.33 -0.69 -13.58
C PRO A 242 8.15 -1.31 -14.31
N VAL A 243 7.54 -0.66 -15.31
CA VAL A 243 6.46 -1.37 -16.04
C VAL A 243 6.94 -2.64 -16.78
N LEU A 244 8.25 -2.83 -16.92
CA LEU A 244 8.76 -4.11 -17.43
C LEU A 244 8.47 -5.38 -16.59
N VAL A 245 8.00 -5.23 -15.36
CA VAL A 245 7.51 -6.36 -14.56
C VAL A 245 6.00 -6.60 -14.76
N LEU A 246 5.36 -5.80 -15.58
CA LEU A 246 3.94 -5.97 -15.93
C LEU A 246 3.77 -6.70 -17.28
N ASP A 247 2.53 -7.16 -17.50
CA ASP A 247 2.17 -7.79 -18.71
C ASP A 247 2.03 -6.65 -19.65
N LEU A 248 2.90 -6.54 -20.66
CA LEU A 248 2.87 -5.38 -21.53
C LEU A 248 2.44 -5.81 -22.90
N PRO A 249 1.60 -5.02 -23.56
CA PRO A 249 1.37 -5.32 -24.98
C PRO A 249 2.65 -5.24 -25.82
N GLU A 250 2.69 -6.06 -26.84
CA GLU A 250 3.82 -6.05 -27.77
C GLU A 250 4.20 -4.66 -28.27
N ALA A 251 3.21 -3.85 -28.58
CA ALA A 251 3.45 -2.51 -29.12
C ALA A 251 3.97 -1.57 -28.09
N VAL A 252 3.76 -1.88 -26.80
CA VAL A 252 4.43 -1.18 -25.74
C VAL A 252 5.88 -1.68 -25.61
N GLN A 253 6.08 -2.99 -25.75
CA GLN A 253 7.41 -3.52 -25.68
C GLN A 253 8.43 -2.87 -26.65
N SER A 254 7.98 -2.52 -27.86
CA SER A 254 8.89 -1.98 -28.87
C SER A 254 9.34 -0.59 -28.46
N LYS A 255 8.63 0.05 -27.52
CA LYS A 255 8.93 1.43 -27.25
C LYS A 255 10.26 1.60 -26.49
N PHE A 256 10.75 0.53 -25.87
CA PHE A 256 12.01 0.62 -25.13
C PHE A 256 13.22 0.90 -26.04
N LYS A 257 13.34 0.14 -27.12
CA LYS A 257 14.37 0.37 -28.17
C LYS A 257 14.28 1.81 -28.73
N GLU A 258 13.11 2.22 -29.18
CA GLU A 258 12.88 3.62 -29.56
C GLU A 258 13.29 4.66 -28.50
N ALA A 259 12.75 4.59 -27.31
CA ALA A 259 13.06 5.60 -26.32
C ALA A 259 14.57 5.68 -26.08
N TYR A 260 15.24 4.53 -25.86
CA TYR A 260 16.62 4.53 -25.39
C TYR A 260 17.63 4.72 -26.50
N ASP A 261 17.28 4.36 -27.77
CA ASP A 261 18.07 4.78 -28.94
C ASP A 261 18.07 6.31 -29.03
N ALA A 262 16.93 6.95 -28.74
CA ALA A 262 16.85 8.42 -28.76
C ALA A 262 17.65 9.09 -27.61
N LEU A 263 17.67 8.52 -26.42
CA LEU A 263 18.29 9.18 -25.27
C LEU A 263 19.80 8.96 -25.15
N VAL A 264 20.29 7.77 -25.46
CA VAL A 264 21.74 7.47 -25.26
C VAL A 264 22.59 8.26 -26.31
N GLY A 265 23.76 8.71 -25.87
CA GLY A 265 24.70 9.46 -26.71
C GLY A 265 25.90 9.97 -25.92
N ALA A 266 26.80 10.69 -26.57
CA ALA A 266 28.02 11.19 -25.90
C ALA A 266 27.72 12.32 -24.90
N ASP A 267 26.60 13.00 -25.15
CA ASP A 267 26.22 14.20 -24.43
C ASP A 267 25.34 13.94 -23.19
N VAL A 268 25.19 12.69 -22.77
CA VAL A 268 24.35 12.36 -21.63
C VAL A 268 25.10 11.43 -20.71
N PRO A 269 24.64 11.30 -19.48
CA PRO A 269 25.18 10.28 -18.61
C PRO A 269 24.86 8.84 -19.09
N GLU A 270 25.64 7.88 -18.60
CA GLU A 270 25.32 6.50 -18.74
C GLU A 270 23.98 6.24 -18.05
N LEU A 271 23.20 5.37 -18.64
CA LEU A 271 21.87 5.02 -18.12
C LEU A 271 21.81 3.60 -17.57
N ILE A 272 21.28 3.46 -16.37
CA ILE A 272 21.15 2.16 -15.75
C ILE A 272 19.65 1.96 -15.70
N LEU A 273 19.16 1.03 -16.53
CA LEU A 273 17.72 0.84 -16.67
C LEU A 273 17.26 -0.07 -15.55
N THR A 274 16.40 0.45 -14.70
CA THR A 274 16.14 -0.14 -13.41
C THR A 274 14.71 -0.73 -13.25
N THR A 275 14.63 -1.95 -12.77
CA THR A 275 13.34 -2.65 -12.65
C THR A 275 13.28 -3.23 -11.27
N TYR A 276 12.06 -3.32 -10.72
CA TYR A 276 11.85 -3.89 -9.37
C TYR A 276 10.42 -4.41 -9.14
N PHE A 277 10.26 -5.23 -8.13
CA PHE A 277 8.98 -5.78 -7.71
C PHE A 277 8.54 -7.01 -8.50
N GLY A 278 9.32 -7.48 -9.47
CA GLY A 278 8.83 -8.59 -10.27
C GLY A 278 9.74 -9.05 -11.34
N ASP A 279 9.14 -9.72 -12.30
CA ASP A 279 9.87 -10.59 -13.19
C ASP A 279 9.82 -9.92 -14.55
N VAL A 280 10.99 -9.69 -15.16
CA VAL A 280 11.04 -9.03 -16.47
C VAL A 280 11.13 -10.01 -17.64
N ARG A 281 11.22 -11.30 -17.36
CA ARG A 281 11.42 -12.26 -18.42
C ARG A 281 10.41 -12.24 -19.55
N PRO A 282 9.10 -12.09 -19.30
CA PRO A 282 8.18 -12.09 -20.46
C PRO A 282 8.46 -10.94 -21.43
N ASN A 283 9.12 -9.91 -20.93
CA ASN A 283 9.50 -8.74 -21.72
C ASN A 283 11.00 -8.68 -22.12
N LEU A 284 11.75 -9.76 -21.95
CA LEU A 284 13.21 -9.70 -22.24
C LEU A 284 13.52 -9.21 -23.64
N LYS A 285 12.74 -9.63 -24.63
CA LYS A 285 13.00 -9.25 -26.00
C LYS A 285 12.94 -7.72 -26.09
N ALA A 286 12.16 -7.06 -25.25
CA ALA A 286 12.07 -5.64 -25.33
C ALA A 286 13.35 -4.95 -24.91
N ILE A 287 14.17 -5.61 -24.13
CA ILE A 287 15.34 -4.90 -23.64
C ILE A 287 16.65 -5.56 -24.06
N GLU A 288 16.56 -6.58 -24.91
CA GLU A 288 17.80 -7.35 -25.23
C GLU A 288 18.74 -6.60 -26.20
N ASN A 289 18.25 -5.55 -26.83
CA ASN A 289 19.13 -4.82 -27.79
C ASN A 289 19.08 -3.35 -27.51
N LEU A 290 19.29 -2.98 -26.25
CA LEU A 290 19.36 -1.60 -25.86
C LEU A 290 20.77 -1.07 -25.69
N PRO A 291 20.97 0.21 -26.01
CA PRO A 291 22.28 0.85 -25.91
C PRO A 291 22.62 1.37 -24.49
N VAL A 292 21.77 1.08 -23.49
CA VAL A 292 22.02 1.55 -22.11
C VAL A 292 23.31 0.94 -21.56
N ALA A 293 23.80 1.49 -20.46
CA ALA A 293 25.05 1.03 -19.86
C ALA A 293 24.84 -0.11 -18.89
N GLY A 294 23.62 -0.38 -18.48
CA GLY A 294 23.42 -1.54 -17.60
C GLY A 294 21.97 -1.64 -17.18
N PHE A 295 21.69 -2.62 -16.34
CA PHE A 295 20.38 -2.91 -15.82
C PHE A 295 20.41 -3.18 -14.33
N HIS A 296 19.23 -3.03 -13.71
CA HIS A 296 19.00 -3.48 -12.34
C HIS A 296 17.80 -4.40 -12.29
N PHE A 297 17.94 -5.50 -11.56
CA PHE A 297 16.81 -6.44 -11.36
C PHE A 297 16.68 -6.76 -9.89
N ASP A 298 15.45 -7.05 -9.50
CA ASP A 298 15.01 -7.43 -8.18
C ASP A 298 15.09 -8.94 -8.03
N PHE A 299 16.14 -9.36 -7.31
CA PHE A 299 16.40 -10.78 -7.02
C PHE A 299 15.96 -11.11 -5.60
N VAL A 300 15.26 -10.21 -4.93
CA VAL A 300 14.58 -10.58 -3.69
C VAL A 300 13.21 -11.17 -4.03
N ARG A 301 12.45 -10.43 -4.80
CA ARG A 301 11.15 -10.90 -5.24
C ARG A 301 11.31 -12.01 -6.28
N VAL A 302 12.24 -11.88 -7.20
CA VAL A 302 12.39 -12.91 -8.23
C VAL A 302 13.82 -13.38 -8.44
N PRO A 303 14.41 -14.07 -7.44
CA PRO A 303 15.79 -14.50 -7.67
C PRO A 303 15.93 -15.42 -8.90
N GLU A 304 14.90 -16.15 -9.24
CA GLU A 304 14.96 -17.14 -10.32
C GLU A 304 15.13 -16.56 -11.74
N GLN A 305 14.88 -15.25 -11.97
CA GLN A 305 15.11 -14.66 -13.31
C GLN A 305 16.59 -14.39 -13.66
N LEU A 306 17.49 -14.59 -12.69
CA LEU A 306 18.90 -14.20 -12.77
C LEU A 306 19.59 -14.73 -13.99
N ASP A 307 19.53 -16.03 -14.20
CA ASP A 307 20.23 -16.66 -15.33
C ASP A 307 19.77 -16.08 -16.67
N GLU A 308 18.47 -16.02 -16.91
CA GLU A 308 17.98 -15.47 -18.19
C GLU A 308 18.23 -13.98 -18.35
N VAL A 309 18.02 -13.18 -17.32
CA VAL A 309 18.34 -11.74 -17.49
C VAL A 309 19.83 -11.52 -17.67
N ALA A 310 20.67 -12.34 -17.04
CA ALA A 310 22.11 -12.12 -17.17
C ALA A 310 22.56 -12.42 -18.57
N SER A 311 21.94 -13.41 -19.20
CA SER A 311 22.46 -13.90 -20.42
C SER A 311 22.15 -12.99 -21.62
N ILE A 312 21.30 -11.97 -21.48
CA ILE A 312 21.15 -10.97 -22.55
C ILE A 312 22.01 -9.69 -22.37
N LEU A 313 22.80 -9.58 -21.29
CA LEU A 313 23.66 -8.45 -21.16
C LEU A 313 24.67 -8.47 -22.28
N LYS A 314 24.85 -7.31 -22.93
CA LYS A 314 25.87 -7.12 -23.92
C LYS A 314 27.19 -6.84 -23.26
N ASP A 315 28.22 -6.88 -24.11
CA ASP A 315 29.57 -6.54 -23.79
C ASP A 315 29.60 -5.20 -23.11
N GLY A 316 30.18 -5.14 -21.95
CA GLY A 316 30.26 -3.86 -21.26
C GLY A 316 29.08 -3.48 -20.36
N GLN A 317 27.90 -4.09 -20.52
CA GLN A 317 26.71 -3.68 -19.72
C GLN A 317 26.85 -4.23 -18.36
N THR A 318 26.45 -3.48 -17.34
CA THR A 318 26.55 -3.97 -15.97
C THR A 318 25.22 -4.48 -15.45
N LEU A 319 25.31 -5.28 -14.40
CA LEU A 319 24.21 -5.96 -13.80
C LEU A 319 24.18 -5.61 -12.30
N SER A 320 23.16 -4.84 -11.91
CA SER A 320 22.90 -4.42 -10.50
C SER A 320 21.92 -5.45 -9.92
N ALA A 321 22.45 -6.24 -9.00
CA ALA A 321 21.76 -7.36 -8.37
C ALA A 321 21.09 -6.91 -7.07
N GLY A 322 19.76 -6.75 -7.15
CA GLY A 322 18.98 -6.24 -6.01
C GLY A 322 18.77 -7.36 -5.02
N VAL A 323 19.53 -7.35 -3.92
CA VAL A 323 19.53 -8.47 -2.97
C VAL A 323 19.22 -8.06 -1.54
N VAL A 324 19.07 -6.76 -1.30
CA VAL A 324 18.67 -6.26 0.03
C VAL A 324 17.31 -5.68 -0.10
N ASP A 325 16.36 -6.32 0.56
CA ASP A 325 14.92 -6.05 0.36
C ASP A 325 14.60 -4.60 0.68
N GLY A 326 14.10 -3.86 -0.31
CA GLY A 326 13.62 -2.50 -0.10
C GLY A 326 12.20 -2.33 0.44
N ARG A 327 11.44 -3.43 0.56
CA ARG A 327 10.07 -3.37 1.09
C ARG A 327 9.78 -4.13 2.40
N ASN A 328 10.79 -4.68 3.08
CA ASN A 328 10.56 -5.36 4.31
C ASN A 328 11.68 -5.09 5.27
N ILE A 329 11.50 -5.52 6.52
CA ILE A 329 12.31 -5.04 7.63
C ILE A 329 13.19 -6.11 8.22
N TRP A 330 13.38 -7.24 7.54
CA TRP A 330 14.16 -8.33 8.10
C TRP A 330 15.62 -8.15 7.77
N LYS A 331 16.44 -8.50 8.75
CA LYS A 331 17.91 -8.53 8.58
C LYS A 331 18.17 -9.50 7.49
N THR A 332 19.04 -9.13 6.54
CA THR A 332 19.36 -9.94 5.38
C THR A 332 20.30 -11.09 5.79
N ASP A 333 20.09 -12.25 5.20
CA ASP A 333 21.01 -13.40 5.40
C ASP A 333 22.17 -13.11 4.44
N PHE A 334 23.31 -12.70 5.02
CA PHE A 334 24.48 -12.28 4.22
C PHE A 334 24.98 -13.43 3.39
N ALA A 335 24.85 -14.65 3.91
CA ALA A 335 25.41 -15.78 3.17
C ALA A 335 24.56 -16.03 1.93
N LYS A 336 23.22 -16.02 2.06
CA LYS A 336 22.38 -16.25 0.89
C LYS A 336 22.34 -15.13 -0.13
N ALA A 337 22.40 -13.89 0.34
CA ALA A 337 22.41 -12.74 -0.55
C ALA A 337 23.73 -12.73 -1.29
N SER A 338 24.84 -13.07 -0.63
CA SER A 338 26.15 -13.07 -1.33
C SER A 338 26.16 -14.13 -2.45
N ALA A 339 25.51 -15.28 -2.17
CA ALA A 339 25.45 -16.39 -3.13
C ALA A 339 24.69 -15.99 -4.38
N VAL A 340 23.60 -15.26 -4.19
CA VAL A 340 22.87 -14.73 -5.35
C VAL A 340 23.77 -13.86 -6.16
N VAL A 341 24.48 -12.98 -5.49
CA VAL A 341 25.45 -12.11 -6.15
C VAL A 341 26.54 -12.90 -6.84
N GLN A 342 26.95 -14.02 -6.22
CA GLN A 342 28.07 -14.82 -6.77
C GLN A 342 27.63 -15.57 -8.06
N LYS A 343 26.39 -15.99 -8.12
CA LYS A 343 25.82 -16.47 -9.39
C LYS A 343 25.89 -15.42 -10.49
N ALA A 344 25.50 -14.18 -10.20
CA ALA A 344 25.66 -13.11 -11.21
C ALA A 344 27.10 -12.96 -11.63
N ILE A 345 27.97 -12.93 -10.65
CA ILE A 345 29.39 -12.80 -10.95
C ILE A 345 29.86 -13.91 -11.84
N GLU A 346 29.42 -15.14 -11.60
CA GLU A 346 29.83 -16.27 -12.42
C GLU A 346 29.35 -16.08 -13.86
N LYS A 347 28.17 -15.49 -14.08
CA LYS A 347 27.65 -15.31 -15.45
C LYS A 347 28.33 -14.19 -16.21
N VAL A 348 28.53 -13.02 -15.59
CA VAL A 348 29.03 -11.83 -16.35
C VAL A 348 30.36 -11.18 -15.88
N GLY A 349 30.94 -11.64 -14.78
CA GLY A 349 32.23 -11.12 -14.39
C GLY A 349 32.10 -10.16 -13.24
N LYS A 350 33.06 -10.26 -12.33
CA LYS A 350 33.09 -9.48 -11.09
C LYS A 350 33.11 -7.95 -11.32
N ASP A 351 33.72 -7.54 -12.43
CA ASP A 351 33.82 -6.11 -12.80
C ASP A 351 32.48 -5.52 -13.26
N LYS A 352 31.47 -6.38 -13.55
CA LYS A 352 30.20 -5.91 -14.15
C LYS A 352 28.98 -6.17 -13.22
N VAL A 353 29.22 -6.47 -11.96
CA VAL A 353 28.15 -6.65 -11.03
C VAL A 353 28.19 -5.65 -9.95
N VAL A 354 27.00 -5.24 -9.50
CA VAL A 354 26.87 -4.24 -8.41
C VAL A 354 25.91 -4.80 -7.42
N VAL A 355 26.24 -4.73 -6.12
CA VAL A 355 25.29 -5.18 -5.04
C VAL A 355 24.35 -4.03 -4.65
N ALA A 356 23.04 -4.25 -4.77
CA ALA A 356 22.08 -3.22 -4.60
C ALA A 356 20.93 -3.58 -3.71
N THR A 357 20.24 -2.55 -3.25
CA THR A 357 18.99 -2.75 -2.66
C THR A 357 17.99 -3.18 -3.78
N SER A 358 17.02 -4.03 -3.44
CA SER A 358 16.10 -4.60 -4.46
C SER A 358 15.27 -3.51 -5.18
N SER A 359 14.86 -2.53 -4.42
CA SER A 359 14.09 -1.37 -4.85
C SER A 359 14.58 -0.22 -3.95
N SER A 360 14.02 0.96 -4.17
CA SER A 360 14.21 2.09 -3.29
C SER A 360 13.89 1.67 -1.83
N LEU A 361 14.58 2.26 -0.88
CA LEU A 361 14.28 2.08 0.53
C LEU A 361 13.09 2.98 1.02
N LEU A 362 12.49 3.69 0.10
CA LEU A 362 11.22 4.42 0.29
C LEU A 362 10.22 3.63 1.10
N HIS A 363 10.25 2.33 0.95
CA HIS A 363 9.20 1.50 1.49
C HIS A 363 9.55 0.87 2.78
N THR A 364 10.65 1.29 3.41
CA THR A 364 11.00 0.81 4.73
C THR A 364 11.17 1.96 5.70
N PRO A 365 11.08 1.66 7.00
CA PRO A 365 11.30 2.76 7.96
C PRO A 365 12.73 3.19 7.99
N VAL A 366 12.98 4.31 8.66
CA VAL A 366 14.24 5.02 8.58
C VAL A 366 15.34 4.38 9.37
N ASP A 367 15.08 4.05 10.64
CA ASP A 367 16.16 3.67 11.52
C ASP A 367 15.76 2.78 12.70
N LEU A 368 16.33 1.58 12.77
CA LEU A 368 16.04 0.65 13.84
C LEU A 368 16.43 1.20 15.18
N GLU A 369 17.43 2.08 15.22
CA GLU A 369 18.00 2.50 16.51
C GLU A 369 17.06 3.42 17.27
N SER A 370 16.02 3.93 16.61
CA SER A 370 14.95 4.69 17.27
C SER A 370 13.96 3.86 18.07
N GLU A 371 13.96 2.54 17.90
CA GLU A 371 13.02 1.72 18.65
C GLU A 371 13.37 1.73 20.12
N THR A 372 12.43 2.14 20.97
CA THR A 372 12.76 2.24 22.43
C THR A 372 12.20 1.07 23.24
N LYS A 373 11.25 0.28 22.69
CA LYS A 373 10.50 -0.75 23.45
C LYS A 373 10.75 -2.15 22.99
N LEU A 374 11.17 -2.34 21.75
CA LEU A 374 11.38 -3.71 21.24
C LEU A 374 12.42 -4.46 22.05
N ASP A 375 12.09 -5.69 22.38
CA ASP A 375 13.04 -6.59 23.00
C ASP A 375 14.28 -6.79 22.12
N ALA A 376 15.44 -6.83 22.73
CA ALA A 376 16.70 -6.97 22.01
C ALA A 376 16.80 -8.27 21.12
N VAL A 377 16.20 -9.37 21.57
CA VAL A 377 16.15 -10.65 20.87
C VAL A 377 15.46 -10.45 19.52
N ILE A 378 14.35 -9.72 19.53
CA ILE A 378 13.56 -9.48 18.35
C ILE A 378 14.21 -8.43 17.46
N LYS A 379 14.68 -7.36 18.06
CA LYS A 379 15.36 -6.32 17.30
C LYS A 379 16.59 -6.85 16.55
N ASP A 380 17.25 -7.87 17.11
CA ASP A 380 18.35 -8.56 16.40
C ASP A 380 17.95 -9.18 15.03
N TRP A 381 16.65 -9.38 14.79
CA TRP A 381 16.20 -9.93 13.52
C TRP A 381 15.90 -8.90 12.47
N PHE A 382 15.86 -7.62 12.86
CA PHE A 382 15.45 -6.56 11.93
C PHE A 382 16.62 -5.73 11.42
N SER A 383 16.38 -5.04 10.29
CA SER A 383 17.16 -3.94 9.70
C SER A 383 16.19 -2.99 9.02
N PHE A 384 16.21 -1.71 9.38
CA PHE A 384 15.46 -0.74 8.68
C PHE A 384 16.40 -0.02 7.68
N ALA A 385 15.99 1.11 7.11
CA ALA A 385 16.73 1.64 5.94
C ALA A 385 18.18 1.94 6.31
N THR A 386 18.40 2.49 7.52
CA THR A 386 19.73 2.93 7.86
C THR A 386 20.66 1.70 7.90
N GLN A 387 20.14 0.60 8.46
CA GLN A 387 20.90 -0.59 8.65
C GLN A 387 21.14 -1.27 7.31
N LYS A 388 20.19 -1.13 6.34
CA LYS A 388 20.33 -1.78 5.09
C LYS A 388 21.49 -1.16 4.27
N LEU A 389 21.86 0.08 4.62
CA LEU A 389 23.01 0.72 4.04
C LEU A 389 24.27 -0.07 4.35
N ASP A 390 24.41 -0.51 5.60
CA ASP A 390 25.56 -1.32 6.04
C ASP A 390 25.51 -2.71 5.47
N GLU A 391 24.30 -3.20 5.19
CA GLU A 391 24.23 -4.57 4.66
C GLU A 391 24.74 -4.63 3.22
N VAL A 392 24.40 -3.63 2.41
CA VAL A 392 24.85 -3.71 1.02
C VAL A 392 26.35 -3.57 0.96
N VAL A 393 26.92 -2.77 1.86
CA VAL A 393 28.41 -2.58 1.90
C VAL A 393 29.08 -3.86 2.32
N VAL A 394 28.57 -4.55 3.33
CA VAL A 394 29.27 -5.74 3.82
C VAL A 394 29.22 -6.92 2.80
N ILE A 395 28.08 -7.05 2.14
CA ILE A 395 27.92 -8.04 1.06
C ILE A 395 28.84 -7.79 -0.11
N ALA A 396 28.88 -6.51 -0.56
CA ALA A 396 29.85 -6.09 -1.57
C ALA A 396 31.29 -6.45 -1.18
N LYS A 397 31.67 -6.09 0.03
CA LYS A 397 33.02 -6.51 0.47
C LYS A 397 33.21 -8.04 0.49
N ASN A 398 32.22 -8.76 0.98
CA ASN A 398 32.28 -10.20 1.06
C ASN A 398 32.55 -10.82 -0.34
N VAL A 399 31.78 -10.43 -1.36
CA VAL A 399 32.02 -11.03 -2.68
C VAL A 399 33.27 -10.53 -3.38
N SER A 400 33.79 -9.37 -2.96
CA SER A 400 35.02 -8.88 -3.50
C SER A 400 36.24 -9.59 -2.91
N GLY A 401 36.07 -10.47 -1.94
CA GLY A 401 37.22 -11.18 -1.38
C GLY A 401 37.71 -10.61 -0.05
N GLU A 402 37.09 -9.53 0.47
CA GLU A 402 37.59 -9.00 1.74
C GLU A 402 37.19 -9.87 2.89
N ASP A 403 38.04 -9.87 3.90
CA ASP A 403 37.75 -10.52 5.16
C ASP A 403 36.66 -9.70 5.86
N VAL A 404 35.46 -10.26 5.91
CA VAL A 404 34.39 -9.70 6.72
C VAL A 404 33.74 -10.82 7.53
N SER A 405 34.59 -11.79 7.92
CA SER A 405 34.11 -13.02 8.57
C SER A 405 33.47 -12.75 9.91
N LYS A 406 33.91 -11.71 10.60
CA LYS A 406 33.26 -11.33 11.85
C LYS A 406 31.79 -10.89 11.63
N GLN A 407 31.56 -9.99 10.66
CA GLN A 407 30.19 -9.58 10.28
C GLN A 407 29.41 -10.80 9.82
N LEU A 408 30.09 -11.70 9.09
CA LEU A 408 29.41 -12.89 8.55
C LEU A 408 28.96 -13.77 9.66
N GLU A 409 29.80 -13.97 10.62
CA GLU A 409 29.49 -14.80 11.76
C GLU A 409 28.37 -14.22 12.64
N ALA A 410 28.45 -12.94 12.96
CA ALA A 410 27.39 -12.31 13.73
C ALA A 410 26.01 -12.38 12.98
N ASN A 411 26.03 -12.07 11.68
CA ASN A 411 24.83 -12.20 10.85
C ASN A 411 24.30 -13.64 10.89
N ALA A 412 25.20 -14.63 10.77
CA ALA A 412 24.77 -16.01 10.74
C ALA A 412 24.15 -16.37 12.09
N ALA A 413 24.70 -15.84 13.17
CA ALA A 413 24.16 -16.09 14.51
C ALA A 413 22.74 -15.53 14.69
N SER A 414 22.50 -14.31 14.15
CA SER A 414 21.18 -13.68 14.21
C SER A 414 20.20 -14.49 13.39
N ILE A 415 20.59 -14.86 12.19
CA ILE A 415 19.72 -15.64 11.30
C ILE A 415 19.36 -16.99 11.97
N LYS A 416 20.37 -17.68 12.46
CA LYS A 416 20.14 -18.91 13.24
C LYS A 416 19.14 -18.75 14.41
N ALA A 417 19.42 -17.80 15.31
CA ALA A 417 18.52 -17.55 16.45
C ALA A 417 17.07 -17.35 16.02
N ARG A 418 16.85 -16.59 14.96
CA ARG A 418 15.50 -16.33 14.53
C ARG A 418 14.83 -17.63 14.16
N SER A 419 15.51 -18.45 13.38
CA SER A 419 14.86 -19.64 12.79
C SER A 419 14.52 -20.71 13.85
N GLU A 420 15.27 -20.71 14.94
CA GLU A 420 15.01 -21.58 16.10
C GLU A 420 14.12 -21.02 17.23
N SER A 421 13.83 -19.73 17.24
CA SER A 421 13.07 -19.10 18.34
C SER A 421 11.66 -19.69 18.50
N SER A 422 11.11 -19.71 19.72
CA SER A 422 9.69 -20.12 19.86
C SER A 422 8.65 -19.06 19.33
N ILE A 423 8.98 -17.78 19.46
CA ILE A 423 8.18 -16.73 18.84
C ILE A 423 7.81 -17.19 17.43
N THR A 424 8.75 -17.79 16.71
CA THR A 424 8.46 -18.14 15.33
C THR A 424 7.61 -19.40 15.23
N ASN A 425 7.84 -20.40 16.10
CA ASN A 425 7.24 -21.75 15.94
C ASN A 425 6.33 -22.18 17.08
N ASP A 426 5.04 -22.19 16.80
CA ASP A 426 4.05 -22.52 17.78
C ASP A 426 3.43 -23.82 17.29
N PRO A 427 3.79 -24.92 17.92
CA PRO A 427 3.26 -26.25 17.62
C PRO A 427 1.73 -26.31 17.46
N LYS A 428 0.96 -25.63 18.33
CA LYS A 428 -0.53 -25.70 18.24
C LYS A 428 -1.04 -25.10 16.92
N VAL A 429 -0.47 -23.97 16.53
CA VAL A 429 -0.81 -23.37 15.25
C VAL A 429 -0.41 -24.31 14.10
N GLN A 430 0.77 -24.86 14.16
CA GLN A 430 1.17 -25.79 13.11
C GLN A 430 0.19 -26.91 12.98
N GLU A 431 -0.15 -27.51 14.11
CA GLU A 431 -1.11 -28.63 14.12
C GLU A 431 -2.46 -28.16 13.63
N ARG A 432 -2.91 -27.00 14.06
CA ARG A 432 -4.16 -26.49 13.55
C ARG A 432 -4.12 -26.27 12.02
N LEU A 433 -2.98 -25.94 11.41
CA LEU A 433 -2.98 -25.75 9.96
C LEU A 433 -3.28 -27.07 9.22
N THR A 434 -2.81 -28.17 9.78
CA THR A 434 -3.07 -29.49 9.23
C THR A 434 -4.58 -29.83 9.21
N THR A 435 -5.41 -29.21 10.05
CA THR A 435 -6.85 -29.44 10.02
C THR A 435 -7.58 -28.71 8.86
N ILE A 436 -6.92 -27.85 8.11
CA ILE A 436 -7.67 -27.09 7.09
C ILE A 436 -8.07 -28.05 5.95
N ASN A 437 -9.34 -28.01 5.52
CA ASN A 437 -9.82 -28.89 4.44
C ASN A 437 -11.07 -28.21 3.90
N GLU A 438 -11.76 -28.84 2.97
CA GLU A 438 -12.98 -28.28 2.36
C GLU A 438 -14.10 -27.97 3.33
N ALA A 439 -14.41 -28.90 4.21
CA ALA A 439 -15.47 -28.65 5.22
C ALA A 439 -15.12 -27.45 6.08
N LEU A 440 -13.85 -27.26 6.40
CA LEU A 440 -13.53 -26.10 7.27
C LEU A 440 -13.73 -24.77 6.55
N ALA A 441 -13.75 -24.79 5.22
CA ALA A 441 -13.90 -23.59 4.38
C ALA A 441 -15.24 -23.60 3.63
N THR A 442 -16.23 -24.31 4.15
CA THR A 442 -17.60 -24.37 3.56
C THR A 442 -18.61 -24.17 4.68
N ARG A 443 -19.64 -23.36 4.42
CA ARG A 443 -20.75 -23.17 5.38
C ARG A 443 -21.51 -24.50 5.52
N LYS A 444 -22.30 -24.65 6.59
CA LYS A 444 -22.98 -25.93 6.87
C LYS A 444 -24.01 -26.25 5.78
N ALA A 445 -24.59 -25.21 5.17
CA ALA A 445 -25.49 -25.40 4.06
C ALA A 445 -25.29 -24.28 3.06
N ALA A 446 -25.78 -24.49 1.85
CA ALA A 446 -25.77 -23.47 0.80
C ALA A 446 -26.81 -22.37 1.05
N PHE A 447 -26.53 -21.20 0.46
CA PHE A 447 -27.26 -19.97 0.72
C PHE A 447 -28.78 -20.16 0.76
N PRO A 448 -29.36 -20.84 -0.25
CA PRO A 448 -30.84 -20.81 -0.27
C PRO A 448 -31.43 -21.40 0.99
N GLU A 449 -30.86 -22.50 1.45
N GLU A 449 -30.84 -22.49 1.44
CA GLU A 449 -31.30 -23.11 2.70
CA GLU A 449 -31.25 -23.14 2.68
C GLU A 449 -31.00 -22.20 3.88
C GLU A 449 -30.93 -22.29 3.91
N ARG A 450 -29.84 -21.53 3.85
CA ARG A 450 -29.47 -20.61 4.92
C ARG A 450 -30.45 -19.44 5.01
N LEU A 451 -30.90 -18.96 3.86
CA LEU A 451 -31.77 -17.81 3.85
C LEU A 451 -33.08 -18.09 4.58
N THR A 452 -33.60 -19.29 4.44
CA THR A 452 -34.88 -19.65 5.06
C THR A 452 -34.75 -19.64 6.59
N GLU A 453 -33.60 -20.07 7.11
CA GLU A 453 -33.38 -19.96 8.57
C GLU A 453 -33.10 -18.50 8.97
N GLN A 454 -32.47 -17.74 8.08
CA GLN A 454 -32.20 -16.34 8.40
C GLN A 454 -33.47 -15.50 8.45
N LYS A 455 -34.41 -15.82 7.57
CA LYS A 455 -35.72 -15.15 7.54
C LYS A 455 -36.56 -15.48 8.76
N ALA A 456 -36.58 -16.75 9.16
CA ALA A 456 -37.27 -17.14 10.40
C ALA A 456 -36.64 -16.43 11.62
N LYS A 457 -35.32 -16.30 11.64
CA LYS A 457 -34.69 -15.57 12.74
C LYS A 457 -34.89 -14.02 12.74
N TYR A 458 -34.52 -13.32 11.68
CA TYR A 458 -34.58 -11.86 11.74
C TYR A 458 -35.88 -11.26 11.23
N ASN A 459 -36.60 -11.99 10.38
CA ASN A 459 -37.77 -11.44 9.76
C ASN A 459 -37.55 -10.04 9.18
N LEU A 460 -36.42 -9.83 8.54
CA LEU A 460 -36.10 -8.53 7.98
C LEU A 460 -37.11 -8.22 6.91
N PRO A 461 -37.55 -6.97 6.81
CA PRO A 461 -38.48 -6.65 5.72
C PRO A 461 -37.70 -6.61 4.43
N LEU A 462 -38.39 -6.56 3.29
CA LEU A 462 -37.72 -6.49 2.00
C LEU A 462 -37.02 -5.12 1.96
N PHE A 463 -36.08 -4.93 1.05
CA PHE A 463 -35.28 -3.70 0.96
C PHE A 463 -34.73 -3.35 2.33
N PRO A 464 -34.11 -4.34 3.02
CA PRO A 464 -33.58 -4.08 4.34
C PRO A 464 -32.52 -3.00 4.26
N THR A 465 -32.48 -2.13 5.27
CA THR A 465 -31.55 -1.01 5.31
C THR A 465 -30.45 -1.17 6.37
N THR A 466 -29.23 -0.90 5.95
CA THR A 466 -28.10 -0.95 6.86
C THR A 466 -27.08 0.07 6.44
N THR A 467 -25.98 0.12 7.19
CA THR A 467 -24.84 0.94 6.82
C THR A 467 -23.55 0.15 6.90
N ILE A 468 -22.53 0.73 6.28
CA ILE A 468 -21.31 0.06 5.93
C ILE A 468 -20.28 0.10 7.08
N GLY A 469 -20.37 1.07 7.98
CA GLY A 469 -19.53 1.05 9.18
C GLY A 469 -19.39 2.33 9.99
N SER A 470 -18.53 3.23 9.51
CA SER A 470 -18.11 4.41 10.25
C SER A 470 -19.21 5.45 10.33
N PHE A 471 -19.15 6.24 11.41
CA PHE A 471 -20.01 7.41 11.61
C PHE A 471 -19.18 8.60 12.12
N PRO A 472 -19.74 9.81 12.05
CA PRO A 472 -19.02 10.99 12.59
C PRO A 472 -18.59 10.81 14.04
N LYS A 475 -15.79 13.47 18.05
CA LYS A 475 -14.89 14.61 18.20
C LYS A 475 -13.87 14.43 19.34
N ASP A 476 -14.36 14.45 20.58
CA ASP A 476 -13.52 14.38 21.81
C ASP A 476 -12.59 13.15 21.98
N ILE A 477 -12.83 12.06 21.24
CA ILE A 477 -12.26 10.71 21.51
C ILE A 477 -10.82 10.62 22.09
N ARG A 478 -9.83 11.02 21.30
CA ARG A 478 -8.43 10.81 21.70
C ARG A 478 -8.20 11.35 23.12
N ILE A 479 -8.83 12.49 23.44
CA ILE A 479 -8.84 13.03 24.81
C ILE A 479 -8.89 11.94 25.89
N ASN A 480 -9.76 10.94 25.65
CA ASN A 480 -10.07 9.87 26.61
C ASN A 480 -9.20 8.62 26.44
N ARG A 481 -8.92 8.21 25.20
CA ARG A 481 -7.80 7.31 24.93
C ARG A 481 -6.54 7.70 25.72
N ASN A 482 -6.26 9.01 25.73
CA ASN A 482 -5.04 9.55 26.33
C ASN A 482 -4.97 9.34 27.84
N LYS A 483 -5.86 9.97 28.62
CA LYS A 483 -5.74 9.86 30.08
C LYS A 483 -5.84 8.38 30.52
N PHE A 484 -6.48 7.54 29.70
CA PHE A 484 -6.58 6.10 29.97
C PHE A 484 -5.25 5.33 29.83
N ALA A 485 -4.53 5.51 28.71
CA ALA A 485 -3.19 4.88 28.55
C ALA A 485 -2.18 5.29 29.66
N LYS A 486 -2.23 6.53 30.14
CA LYS A 486 -1.42 6.98 31.29
C LYS A 486 -2.07 6.60 32.64
N GLY A 487 -3.14 5.82 32.63
CA GLY A 487 -3.82 5.43 33.87
C GLY A 487 -4.52 6.55 34.67
N GLN A 488 -4.67 7.74 34.08
CA GLN A 488 -5.38 8.87 34.77
C GLN A 488 -6.87 8.56 35.00
N ILE A 489 -7.49 7.83 34.07
CA ILE A 489 -8.91 7.44 34.21
C ILE A 489 -8.98 5.93 34.23
N THR A 490 -9.92 5.38 35.00
CA THR A 490 -9.99 3.94 35.14
C THR A 490 -10.47 3.28 33.84
N ALA A 491 -10.33 1.97 33.80
CA ALA A 491 -10.99 1.18 32.78
C ALA A 491 -12.49 1.46 32.90
N GLU A 492 -12.97 1.63 34.13
CA GLU A 492 -14.37 2.00 34.39
C GLU A 492 -14.84 3.30 33.68
N GLU A 493 -14.04 4.36 33.73
CA GLU A 493 -14.44 5.62 33.11
C GLU A 493 -14.30 5.53 31.62
N TYR A 494 -13.21 4.89 31.20
CA TYR A 494 -13.02 4.67 29.78
C TYR A 494 -14.18 3.93 29.10
N GLU A 495 -14.59 2.81 29.71
CA GLU A 495 -15.74 2.01 29.25
C GLU A 495 -17.05 2.84 29.20
N ALA A 496 -17.34 3.68 30.20
CA ALA A 496 -18.57 4.46 30.13
C ALA A 496 -18.54 5.48 29.00
N PHE A 497 -17.36 6.00 28.66
CA PHE A 497 -17.25 6.92 27.54
C PHE A 497 -17.49 6.15 26.24
N ILE A 498 -16.86 4.99 26.12
CA ILE A 498 -17.05 4.17 24.93
C ILE A 498 -18.53 3.86 24.79
N ASN A 499 -19.12 3.37 25.88
CA ASN A 499 -20.53 2.98 25.87
C ASN A 499 -21.51 4.13 25.58
N LYS A 500 -21.18 5.34 26.03
CA LYS A 500 -22.00 6.54 25.70
C LYS A 500 -21.92 6.85 24.20
N GLU A 501 -20.73 6.82 23.61
CA GLU A 501 -20.60 6.92 22.13
C GLU A 501 -21.41 5.86 21.37
N ILE A 502 -21.32 4.62 21.83
CA ILE A 502 -22.03 3.54 21.19
C ILE A 502 -23.53 3.85 21.32
N GLU A 503 -23.93 4.22 22.52
CA GLU A 503 -25.31 4.58 22.75
C GLU A 503 -25.79 5.66 21.80
N THR A 504 -25.05 6.74 21.66
CA THR A 504 -25.53 7.84 20.82
C THR A 504 -25.84 7.29 19.44
N VAL A 505 -24.90 6.50 18.94
CA VAL A 505 -24.86 6.06 17.56
C VAL A 505 -25.98 5.06 17.31
N VAL A 506 -26.22 4.17 18.26
CA VAL A 506 -27.32 3.22 18.15
C VAL A 506 -28.70 3.92 18.14
N ARG A 507 -28.93 4.84 19.06
CA ARG A 507 -30.22 5.56 19.15
C ARG A 507 -30.52 6.41 17.93
N PHE A 508 -29.49 7.13 17.49
CA PHE A 508 -29.52 7.83 16.23
C PHE A 508 -29.97 6.91 15.09
N GLN A 509 -29.37 5.73 14.98
CA GLN A 509 -29.75 4.81 13.90
C GLN A 509 -31.20 4.35 14.04
N GLU A 510 -31.60 4.02 15.27
CA GLU A 510 -32.98 3.59 15.55
C GLU A 510 -34.01 4.64 15.17
N GLU A 511 -33.73 5.88 15.53
CA GLU A 511 -34.65 7.00 15.27
C GLU A 511 -34.75 7.29 13.76
N ILE A 512 -33.70 7.01 13.01
CA ILE A 512 -33.74 7.05 11.54
C ILE A 512 -34.50 5.83 10.95
N GLY A 513 -34.51 4.73 11.70
CA GLY A 513 -35.20 3.50 11.29
C GLY A 513 -34.40 2.54 10.40
N LEU A 514 -33.08 2.46 10.62
CA LEU A 514 -32.26 1.49 9.92
C LEU A 514 -32.55 0.10 10.47
N ASP A 515 -32.47 -0.89 9.60
CA ASP A 515 -32.94 -2.24 9.98
C ASP A 515 -31.84 -3.06 10.60
N VAL A 516 -30.62 -2.89 10.10
CA VAL A 516 -29.43 -3.56 10.65
C VAL A 516 -28.36 -2.52 11.00
N LEU A 517 -27.93 -2.54 12.26
CA LEU A 517 -27.12 -1.49 12.85
C LEU A 517 -25.65 -1.86 13.06
N VAL A 518 -24.87 -0.82 13.30
CA VAL A 518 -23.47 -0.93 13.63
C VAL A 518 -23.25 -0.14 14.91
N HIS A 519 -22.09 -0.33 15.55
CA HIS A 519 -21.84 0.28 16.85
C HIS A 519 -20.96 1.53 16.79
N GLY A 520 -20.35 1.75 15.64
CA GLY A 520 -19.53 2.92 15.40
C GLY A 520 -18.04 2.77 15.70
N GLU A 521 -17.64 1.69 16.36
CA GLU A 521 -16.20 1.42 16.61
C GLU A 521 -15.43 2.60 17.24
N PRO A 522 -16.04 3.31 18.22
CA PRO A 522 -15.30 4.34 18.91
C PRO A 522 -14.08 3.79 19.63
N GLU A 523 -14.08 2.49 19.97
CA GLU A 523 -12.96 1.87 20.69
C GLU A 523 -11.70 1.54 19.83
N ARG A 524 -11.73 1.88 18.55
CA ARG A 524 -10.75 1.35 17.61
C ARG A 524 -10.00 2.51 16.95
N ASN A 525 -8.68 2.52 17.01
CA ASN A 525 -7.93 3.57 16.34
C ASN A 525 -7.69 3.24 14.86
N ASP A 526 -7.57 1.96 14.53
CA ASP A 526 -6.94 1.50 13.28
C ASP A 526 -7.35 0.06 12.92
N MET A 527 -7.86 -0.12 11.72
CA MET A 527 -8.39 -1.38 11.20
C MET A 527 -7.52 -2.63 11.30
N VAL A 528 -6.21 -2.49 11.32
CA VAL A 528 -5.32 -3.61 11.38
C VAL A 528 -4.60 -3.72 12.75
N GLN A 529 -4.03 -2.63 13.21
CA GLN A 529 -3.31 -2.64 14.49
C GLN A 529 -4.25 -3.02 15.67
N TYR A 530 -5.50 -2.58 15.61
CA TYR A 530 -6.47 -3.01 16.60
C TYR A 530 -6.54 -4.52 16.77
N PHE A 531 -6.45 -5.24 15.65
CA PHE A 531 -6.37 -6.71 15.75
C PHE A 531 -4.96 -7.21 16.05
N GLY A 532 -3.98 -6.69 15.31
CA GLY A 532 -2.61 -7.18 15.55
C GLY A 532 -2.14 -7.11 17.02
N GLU A 533 -2.55 -6.06 17.72
CA GLU A 533 -2.22 -5.90 19.13
C GLU A 533 -2.77 -7.03 19.98
N GLN A 534 -3.85 -7.62 19.55
CA GLN A 534 -4.51 -8.62 20.31
C GLN A 534 -4.18 -10.01 19.82
N LEU A 535 -3.23 -10.14 18.89
CA LEU A 535 -2.84 -11.44 18.34
C LEU A 535 -1.40 -11.78 18.63
N ASN A 536 -1.16 -13.05 18.97
CA ASN A 536 0.20 -13.54 19.10
C ASN A 536 0.82 -13.55 17.73
N GLY A 537 2.14 -13.50 17.69
CA GLY A 537 2.85 -13.50 16.41
C GLY A 537 3.17 -12.14 15.81
N PHE A 538 2.82 -11.04 16.51
CA PHE A 538 2.96 -9.71 16.00
C PHE A 538 3.97 -8.90 16.83
N ALA A 539 4.74 -7.99 16.24
CA ALA A 539 5.46 -7.00 17.06
C ALA A 539 5.12 -5.64 16.48
N PHE A 540 5.32 -4.62 17.29
CA PHE A 540 4.92 -3.25 17.01
C PHE A 540 6.12 -2.38 17.24
N THR A 541 6.20 -1.32 16.43
CA THR A 541 7.25 -0.33 16.57
C THR A 541 6.74 0.99 17.18
N THR A 542 7.66 1.77 17.74
CA THR A 542 7.38 3.13 18.16
C THR A 542 7.63 4.06 16.99
N ASN A 543 8.54 3.73 16.09
CA ASN A 543 8.97 4.71 15.11
C ASN A 543 9.06 4.14 13.71
N GLY A 544 8.49 2.96 13.45
CA GLY A 544 8.64 2.38 12.10
C GLY A 544 7.71 2.96 11.04
N TRP A 545 7.87 4.25 10.79
CA TRP A 545 6.97 4.94 9.87
C TRP A 545 7.43 4.77 8.44
N VAL A 546 6.46 4.55 7.55
CA VAL A 546 6.66 4.50 6.12
C VAL A 546 5.69 5.46 5.42
N GLN A 547 6.17 6.20 4.44
CA GLN A 547 5.28 7.12 3.74
C GLN A 547 4.22 6.32 2.94
N SER A 548 2.94 6.68 3.15
CA SER A 548 1.85 6.09 2.38
C SER A 548 1.44 6.97 1.21
N TYR A 549 1.10 8.21 1.50
CA TYR A 549 0.84 9.19 0.46
C TYR A 549 1.00 10.56 1.06
N GLY A 550 1.70 11.41 0.33
CA GLY A 550 1.86 12.76 0.76
C GLY A 550 2.60 12.83 2.08
N SER A 551 1.97 13.54 3.01
CA SER A 551 2.46 13.65 4.36
C SER A 551 1.78 12.66 5.27
N ARG A 552 0.98 11.75 4.74
CA ARG A 552 0.39 10.70 5.53
C ARG A 552 1.21 9.41 5.53
N TYR A 553 1.53 8.93 6.73
CA TYR A 553 2.45 7.81 6.92
C TYR A 553 1.76 6.74 7.73
N VAL A 554 2.23 5.50 7.56
CA VAL A 554 1.70 4.37 8.30
C VAL A 554 2.87 3.79 9.07
N ARG A 555 2.52 3.19 10.17
CA ARG A 555 3.44 2.51 10.99
C ARG A 555 2.96 1.07 11.01
N PRO A 556 3.33 0.26 10.00
CA PRO A 556 2.80 -1.09 10.00
C PRO A 556 3.18 -2.03 11.16
N PRO A 557 2.23 -2.88 11.59
CA PRO A 557 2.58 -4.05 12.43
C PRO A 557 3.54 -4.95 11.70
N ILE A 558 4.30 -5.73 12.49
CA ILE A 558 5.19 -6.77 11.97
C ILE A 558 4.78 -8.15 12.40
N ILE A 559 4.63 -9.06 11.44
CA ILE A 559 4.35 -10.42 11.76
C ILE A 559 5.69 -11.08 11.96
N VAL A 560 5.94 -11.57 13.17
CA VAL A 560 7.23 -12.18 13.50
C VAL A 560 7.20 -13.65 13.67
N GLY A 561 6.01 -14.22 13.87
CA GLY A 561 5.88 -15.67 14.08
C GLY A 561 4.47 -16.21 13.88
N ASP A 562 4.24 -17.44 14.33
CA ASP A 562 2.99 -18.06 14.14
C ASP A 562 1.90 -17.26 14.88
N VAL A 563 0.86 -16.95 14.11
CA VAL A 563 -0.25 -16.15 14.61
C VAL A 563 -1.28 -17.05 15.20
N SER A 564 -1.75 -16.65 16.39
CA SER A 564 -2.96 -17.15 17.06
C SER A 564 -3.67 -16.00 17.82
N ARG A 565 -4.91 -16.25 18.24
CA ARG A 565 -5.71 -15.31 19.00
C ARG A 565 -6.02 -15.84 20.40
N PRO A 566 -5.30 -15.38 21.42
CA PRO A 566 -5.61 -15.92 22.76
C PRO A 566 -7.06 -15.67 23.20
N LYS A 567 -7.67 -14.53 22.84
CA LYS A 567 -9.04 -14.30 23.37
C LYS A 567 -9.84 -13.23 22.64
N ALA A 568 -11.12 -13.15 22.99
CA ALA A 568 -12.03 -12.19 22.41
C ALA A 568 -11.38 -10.83 22.16
N MET A 569 -11.51 -10.33 20.94
CA MET A 569 -10.96 -9.03 20.52
C MET A 569 -11.99 -7.91 20.39
N THR A 570 -13.23 -8.27 20.09
CA THR A 570 -14.25 -7.26 19.77
C THR A 570 -15.57 -7.51 20.44
N VAL A 571 -15.70 -8.65 21.11
CA VAL A 571 -16.99 -9.17 21.59
C VAL A 571 -17.60 -8.15 22.56
N LYS A 572 -16.81 -7.65 23.50
CA LYS A 572 -17.35 -6.76 24.55
C LYS A 572 -18.15 -5.57 24.03
N GLU A 573 -17.58 -4.78 23.15
CA GLU A 573 -18.30 -3.58 22.71
C GLU A 573 -19.52 -3.96 21.87
N SER A 574 -19.36 -4.97 21.01
CA SER A 574 -20.47 -5.43 20.22
C SER A 574 -21.64 -5.97 21.09
N VAL A 575 -21.31 -6.76 22.12
CA VAL A 575 -22.33 -7.28 23.03
C VAL A 575 -23.04 -6.15 23.78
N TYR A 576 -22.28 -5.11 24.13
CA TYR A 576 -22.93 -3.97 24.76
C TYR A 576 -23.85 -3.25 23.77
N ALA A 577 -23.41 -3.05 22.53
CA ALA A 577 -24.25 -2.38 21.53
C ALA A 577 -25.52 -3.17 21.21
N GLN A 578 -25.35 -4.48 20.98
CA GLN A 578 -26.48 -5.35 20.84
C GLN A 578 -27.45 -5.28 22.07
N SER A 579 -26.94 -5.09 23.29
CA SER A 579 -27.83 -5.16 24.48
C SER A 579 -28.79 -3.99 24.60
N ILE A 580 -28.58 -2.90 23.87
CA ILE A 580 -29.41 -1.68 24.06
C ILE A 580 -30.43 -1.46 22.96
N THR A 581 -30.60 -2.48 22.13
CA THR A 581 -31.50 -2.41 21.00
C THR A 581 -31.93 -3.83 20.62
N SER A 582 -33.12 -3.95 20.09
CA SER A 582 -33.63 -5.19 19.62
C SER A 582 -33.46 -5.40 18.11
N LYS A 583 -32.83 -4.44 17.42
CA LYS A 583 -32.34 -4.63 16.07
C LYS A 583 -31.04 -5.42 16.11
N PRO A 584 -30.83 -6.30 15.11
CA PRO A 584 -29.51 -6.96 14.90
C PRO A 584 -28.36 -5.96 14.81
N MET A 585 -27.39 -6.15 15.69
CA MET A 585 -26.12 -5.40 15.67
C MET A 585 -25.09 -6.17 14.86
N LYS A 586 -24.43 -5.53 13.91
CA LYS A 586 -23.32 -6.13 13.19
C LYS A 586 -22.06 -6.17 14.04
N GLY A 587 -21.46 -7.34 14.18
CA GLY A 587 -20.05 -7.33 14.48
C GLY A 587 -19.28 -6.85 13.24
N MET A 588 -18.06 -6.39 13.45
CA MET A 588 -17.21 -5.76 12.42
C MET A 588 -15.79 -6.23 12.58
N LEU A 589 -15.27 -6.87 11.54
CA LEU A 589 -13.90 -7.41 11.59
C LEU A 589 -13.17 -7.11 10.31
N THR A 590 -11.85 -7.08 10.40
CA THR A 590 -11.01 -7.02 9.22
C THR A 590 -10.58 -8.42 8.88
N GLY A 591 -10.54 -8.74 7.59
CA GLY A 591 -10.22 -10.05 7.11
C GLY A 591 -8.76 -10.38 7.16
N PRO A 592 -8.42 -11.66 6.94
CA PRO A 592 -7.01 -12.11 7.05
C PRO A 592 -6.08 -11.56 6.01
N VAL A 593 -6.52 -11.43 4.80
CA VAL A 593 -5.61 -10.96 3.76
C VAL A 593 -5.25 -9.48 3.96
N THR A 594 -6.19 -8.71 4.51
CA THR A 594 -5.95 -7.28 4.76
C THR A 594 -5.05 -7.11 5.92
N ILE A 595 -5.24 -7.89 6.98
CA ILE A 595 -4.28 -7.84 8.07
C ILE A 595 -2.82 -8.18 7.61
N LEU A 596 -2.69 -9.22 6.79
CA LEU A 596 -1.41 -9.57 6.22
C LEU A 596 -0.82 -8.46 5.32
N ARG A 597 -1.63 -7.91 4.40
CA ARG A 597 -1.11 -6.92 3.42
C ARG A 597 -0.73 -5.57 4.00
N TRP A 598 -1.34 -5.15 5.08
CA TRP A 598 -1.03 -3.88 5.68
C TRP A 598 -0.11 -4.08 6.91
N SER A 599 0.42 -5.29 7.07
CA SER A 599 1.56 -5.53 7.92
C SER A 599 2.82 -5.77 7.12
N PHE A 600 3.96 -5.73 7.81
CA PHE A 600 5.19 -6.29 7.30
C PHE A 600 5.13 -7.78 7.50
N PRO A 601 5.16 -8.59 6.40
CA PRO A 601 4.99 -10.03 6.56
C PRO A 601 6.29 -10.71 6.95
N ARG A 602 6.18 -11.95 7.42
CA ARG A 602 7.32 -12.80 7.53
C ARG A 602 7.90 -13.11 6.19
N ASP A 603 9.22 -13.21 6.12
CA ASP A 603 9.87 -13.60 4.87
C ASP A 603 10.36 -15.01 4.92
N ASP A 604 10.04 -15.74 5.98
CA ASP A 604 10.52 -17.10 6.07
C ASP A 604 9.42 -18.13 5.79
N VAL A 605 8.17 -17.70 5.67
CA VAL A 605 7.07 -18.59 5.25
C VAL A 605 6.21 -17.83 4.28
N SER A 606 5.42 -18.53 3.48
CA SER A 606 4.63 -17.88 2.42
C SER A 606 3.51 -16.99 2.96
N GLY A 607 3.13 -16.02 2.14
CA GLY A 607 1.97 -15.18 2.39
C GLY A 607 0.77 -16.08 2.67
N LYS A 608 0.58 -17.10 1.84
CA LYS A 608 -0.55 -17.99 2.00
C LYS A 608 -0.66 -18.56 3.44
N ILE A 609 0.44 -19.11 3.96
CA ILE A 609 0.50 -19.69 5.27
C ILE A 609 0.12 -18.62 6.31
N GLN A 610 0.62 -17.41 6.15
CA GLN A 610 0.35 -16.37 7.10
C GLN A 610 -1.13 -16.01 7.03
N ALA A 611 -1.71 -15.92 5.83
CA ALA A 611 -3.19 -15.69 5.69
C ALA A 611 -4.09 -16.76 6.32
N LEU A 612 -3.74 -18.05 6.13
CA LEU A 612 -4.52 -19.16 6.74
C LEU A 612 -4.44 -19.18 8.25
N GLN A 613 -3.28 -18.81 8.78
CA GLN A 613 -3.11 -18.65 10.24
C GLN A 613 -4.01 -17.51 10.76
N LEU A 614 -3.98 -16.37 10.07
CA LEU A 614 -4.90 -15.30 10.34
C LEU A 614 -6.40 -15.74 10.16
N GLY A 615 -6.69 -16.53 9.14
CA GLY A 615 -8.08 -17.07 8.97
C GLY A 615 -8.52 -17.85 10.19
N LEU A 616 -7.63 -18.68 10.73
CA LEU A 616 -7.96 -19.51 11.85
C LEU A 616 -8.15 -18.66 13.12
N ALA A 617 -7.33 -17.63 13.30
CA ALA A 617 -7.44 -16.78 14.48
C ALA A 617 -8.74 -16.01 14.37
N LEU A 618 -9.06 -15.52 13.18
CA LEU A 618 -10.31 -14.79 12.99
C LEU A 618 -11.53 -15.69 13.15
N ARG A 619 -11.36 -17.00 12.89
CA ARG A 619 -12.46 -17.95 13.08
C ARG A 619 -12.88 -18.04 14.53
N ASP A 620 -11.93 -18.09 15.44
CA ASP A 620 -12.23 -18.08 16.87
C ASP A 620 -13.04 -16.84 17.24
N GLU A 621 -12.70 -15.71 16.65
CA GLU A 621 -13.38 -14.48 16.93
C GLU A 621 -14.83 -14.51 16.39
N VAL A 622 -15.01 -14.87 15.15
CA VAL A 622 -16.35 -14.98 14.59
C VAL A 622 -17.20 -15.95 15.43
N ASN A 623 -16.61 -17.07 15.79
CA ASN A 623 -17.32 -18.04 16.63
C ASN A 623 -17.66 -17.45 18.02
N ASP A 624 -16.79 -16.63 18.62
CA ASP A 624 -17.12 -16.02 19.96
C ASP A 624 -18.18 -14.98 19.77
N LEU A 625 -18.09 -14.21 18.70
CA LEU A 625 -19.18 -13.25 18.42
C LEU A 625 -20.57 -13.94 18.33
N GLU A 626 -20.63 -14.98 17.51
CA GLU A 626 -21.84 -15.76 17.35
C GLU A 626 -22.26 -16.30 18.72
N GLY A 627 -21.36 -16.94 19.44
CA GLY A 627 -21.60 -17.41 20.84
C GLY A 627 -22.18 -16.36 21.78
N ALA A 628 -21.83 -15.08 21.62
CA ALA A 628 -22.31 -14.04 22.53
C ALA A 628 -23.56 -13.39 22.01
N GLY A 629 -24.19 -13.98 20.99
CA GLY A 629 -25.42 -13.40 20.45
C GLY A 629 -25.23 -12.39 19.33
N ILE A 630 -24.00 -12.19 18.83
CA ILE A 630 -23.80 -11.28 17.70
C ILE A 630 -23.77 -12.16 16.46
N THR A 631 -24.92 -12.25 15.78
CA THR A 631 -25.08 -13.23 14.74
C THR A 631 -25.21 -12.61 13.35
N VAL A 632 -24.98 -11.30 13.28
CA VAL A 632 -24.70 -10.63 12.02
C VAL A 632 -23.28 -10.10 12.14
N ILE A 633 -22.39 -10.51 11.23
CA ILE A 633 -20.97 -10.22 11.30
C ILE A 633 -20.46 -9.82 9.95
N GLN A 634 -19.92 -8.60 9.85
CA GLN A 634 -19.34 -8.09 8.65
C GLN A 634 -17.81 -8.24 8.74
N VAL A 635 -17.23 -8.81 7.69
CA VAL A 635 -15.78 -9.07 7.58
C VAL A 635 -15.25 -8.48 6.30
N ASP A 636 -14.41 -7.46 6.40
CA ASP A 636 -14.04 -6.70 5.20
C ASP A 636 -12.59 -6.92 4.87
N GLU A 637 -12.36 -7.01 3.57
CA GLU A 637 -11.07 -7.26 3.01
C GLU A 637 -10.73 -6.17 1.99
N PRO A 638 -10.61 -4.93 2.46
CA PRO A 638 -10.36 -3.87 1.45
C PRO A 638 -9.01 -3.98 0.71
N ALA A 639 -8.04 -4.82 1.15
CA ALA A 639 -6.72 -4.91 0.48
C ALA A 639 -6.61 -6.02 -0.58
N ILE A 640 -7.67 -6.75 -0.81
CA ILE A 640 -7.61 -7.92 -1.70
C ILE A 640 -7.05 -7.60 -3.08
N ARG A 641 -7.52 -6.51 -3.66
CA ARG A 641 -7.04 -6.12 -4.96
C ARG A 641 -5.60 -5.58 -4.91
N GLU A 642 -5.18 -4.86 -3.87
CA GLU A 642 -3.81 -4.33 -3.86
C GLU A 642 -2.82 -5.46 -3.83
N GLY A 643 -3.21 -6.59 -3.28
CA GLY A 643 -2.32 -7.75 -3.21
C GLY A 643 -2.31 -8.58 -4.48
N LEU A 644 -3.10 -8.20 -5.50
CA LEU A 644 -3.11 -9.01 -6.71
C LEU A 644 -1.66 -9.13 -7.25
N PRO A 645 -1.17 -10.35 -7.45
CA PRO A 645 0.13 -10.43 -8.12
C PRO A 645 0.12 -9.68 -9.48
N LEU A 646 1.29 -9.12 -9.78
CA LEU A 646 1.41 -8.15 -10.87
C LEU A 646 1.14 -8.68 -12.28
N ARG A 647 1.43 -9.96 -12.53
CA ARG A 647 1.18 -10.57 -13.82
C ARG A 647 0.02 -11.58 -13.74
N ALA A 648 -0.61 -11.86 -14.86
CA ALA A 648 -1.58 -12.96 -14.90
C ALA A 648 -0.83 -14.28 -14.90
N GLY A 649 -1.50 -15.34 -14.50
CA GLY A 649 -0.89 -16.66 -14.39
C GLY A 649 -1.13 -17.33 -13.03
N LYS A 650 -0.29 -18.30 -12.73
CA LYS A 650 -0.48 -19.25 -11.68
C LYS A 650 -0.42 -18.54 -10.34
N GLU A 651 0.51 -17.62 -10.20
CA GLU A 651 0.65 -16.95 -8.90
C GLU A 651 -0.64 -16.16 -8.60
N ARG A 652 -1.19 -15.51 -9.62
CA ARG A 652 -2.41 -14.71 -9.47
C ARG A 652 -3.61 -15.59 -9.12
N SER A 653 -3.87 -16.63 -9.91
CA SER A 653 -5.03 -17.47 -9.59
C SER A 653 -4.84 -18.24 -8.29
N ASP A 654 -3.62 -18.63 -7.95
CA ASP A 654 -3.37 -19.18 -6.59
C ASP A 654 -3.70 -18.17 -5.48
N TYR A 655 -3.24 -16.94 -5.62
CA TYR A 655 -3.55 -15.87 -4.68
C TYR A 655 -5.05 -15.72 -4.49
N LEU A 656 -5.78 -15.62 -5.61
CA LEU A 656 -7.25 -15.41 -5.52
C LEU A 656 -7.90 -16.60 -4.82
N ASN A 657 -7.40 -17.80 -5.10
CA ASN A 657 -7.93 -18.98 -4.42
C ASN A 657 -7.64 -18.96 -2.91
N TRP A 658 -6.40 -18.73 -2.49
CA TRP A 658 -6.11 -18.77 -1.04
C TRP A 658 -6.65 -17.59 -0.31
N ALA A 659 -6.80 -16.49 -1.01
CA ALA A 659 -7.35 -15.33 -0.37
C ALA A 659 -8.74 -15.64 0.03
N ALA A 660 -9.48 -16.26 -0.89
CA ALA A 660 -10.87 -16.57 -0.63
C ALA A 660 -11.03 -17.71 0.37
N GLN A 661 -10.14 -18.70 0.26
CA GLN A 661 -10.08 -19.80 1.22
C GLN A 661 -9.88 -19.25 2.63
N SER A 662 -8.99 -18.29 2.77
CA SER A 662 -8.69 -17.75 4.12
C SER A 662 -9.90 -17.06 4.68
N PHE A 663 -10.62 -16.31 3.85
CA PHE A 663 -11.86 -15.65 4.26
C PHE A 663 -12.87 -16.67 4.69
N ARG A 664 -13.02 -17.72 3.89
CA ARG A 664 -13.99 -18.77 4.25
C ARG A 664 -13.59 -19.51 5.54
N VAL A 665 -12.29 -19.77 5.74
CA VAL A 665 -11.87 -20.41 7.01
C VAL A 665 -12.34 -19.52 8.20
N ALA A 666 -12.25 -18.19 8.05
CA ALA A 666 -12.68 -17.29 9.14
C ALA A 666 -14.17 -17.32 9.40
N THR A 667 -14.96 -17.54 8.35
CA THR A 667 -16.40 -17.28 8.38
C THR A 667 -17.31 -18.52 8.29
N SER A 668 -16.70 -19.68 8.09
CA SER A 668 -17.47 -20.90 7.86
C SER A 668 -17.80 -21.72 9.08
N GLY A 669 -17.41 -21.32 10.29
CA GLY A 669 -17.79 -22.09 11.48
C GLY A 669 -19.21 -21.82 12.01
N VAL A 670 -19.87 -20.79 11.49
CA VAL A 670 -21.17 -20.34 12.05
C VAL A 670 -22.41 -21.14 11.63
N GLU A 671 -23.51 -20.97 12.37
CA GLU A 671 -24.76 -21.65 12.06
C GLU A 671 -25.34 -21.03 10.78
N ASN A 672 -26.27 -21.74 10.16
CA ASN A 672 -27.02 -21.28 9.01
C ASN A 672 -27.74 -19.92 9.16
N SER A 673 -28.24 -19.64 10.38
CA SER A 673 -28.98 -18.40 10.72
C SER A 673 -28.12 -17.21 10.98
N THR A 674 -26.84 -17.44 11.27
CA THR A 674 -25.87 -16.36 11.32
C THR A 674 -25.57 -15.82 9.92
N GLN A 675 -25.47 -14.52 9.83
CA GLN A 675 -25.41 -13.83 8.55
C GLN A 675 -24.01 -13.20 8.40
N ILE A 676 -23.22 -13.69 7.44
CA ILE A 676 -21.96 -13.07 7.10
C ILE A 676 -22.07 -11.98 6.02
N HIS A 677 -21.61 -10.76 6.34
CA HIS A 677 -21.58 -9.66 5.39
C HIS A 677 -20.16 -9.35 5.01
N SER A 678 -19.96 -8.77 3.84
CA SER A 678 -18.66 -8.24 3.47
C SER A 678 -18.88 -7.11 2.55
N HIS A 679 -18.04 -6.12 2.72
CA HIS A 679 -18.15 -4.89 1.98
C HIS A 679 -16.93 -4.61 1.10
N PHE A 680 -17.18 -4.25 -0.15
CA PHE A 680 -16.15 -3.99 -1.17
C PHE A 680 -16.27 -2.56 -1.73
N CYS A 681 -15.16 -1.82 -1.72
CA CYS A 681 -15.08 -0.52 -2.42
C CYS A 681 -14.82 -0.74 -3.92
N TYR A 682 -13.73 -1.44 -4.24
CA TYR A 682 -13.26 -1.76 -5.61
C TYR A 682 -14.36 -1.83 -6.67
N ASP A 686 -13.77 -7.88 -9.05
CA ASP A 686 -14.00 -9.03 -9.92
C ASP A 686 -15.06 -9.99 -9.31
N PRO A 687 -16.21 -10.14 -10.00
CA PRO A 687 -17.38 -10.78 -9.43
C PRO A 687 -17.21 -12.26 -9.03
N ASN A 688 -16.25 -12.95 -9.67
CA ASN A 688 -16.04 -14.38 -9.46
C ASN A 688 -15.39 -14.62 -8.10
N HIS A 689 -14.42 -13.79 -7.75
CA HIS A 689 -13.81 -13.85 -6.43
C HIS A 689 -14.81 -13.57 -5.28
N ILE A 690 -15.63 -12.54 -5.47
CA ILE A 690 -16.69 -12.20 -4.55
C ILE A 690 -17.59 -13.43 -4.38
N LYS A 691 -18.05 -13.99 -5.49
CA LYS A 691 -18.82 -15.20 -5.49
C LYS A 691 -18.14 -16.27 -4.65
N ALA A 692 -16.83 -16.45 -4.80
CA ALA A 692 -16.13 -17.51 -4.06
C ALA A 692 -16.19 -17.37 -2.54
N LEU A 693 -16.44 -16.17 -2.04
CA LEU A 693 -16.50 -15.98 -0.59
C LEU A 693 -17.73 -16.56 0.09
N ASP A 694 -18.79 -16.77 -0.69
CA ASP A 694 -20.09 -17.29 -0.23
C ASP A 694 -20.70 -16.48 0.92
N ALA A 695 -20.48 -15.17 0.94
CA ALA A 695 -21.07 -14.32 1.96
C ALA A 695 -22.60 -14.24 1.77
N ASP A 696 -23.32 -14.11 2.89
CA ASP A 696 -24.80 -14.01 2.79
C ASP A 696 -25.25 -12.73 2.11
N VAL A 697 -24.53 -11.66 2.40
CA VAL A 697 -24.79 -10.35 1.90
C VAL A 697 -23.46 -9.69 1.53
N VAL A 698 -23.39 -9.17 0.32
CA VAL A 698 -22.21 -8.48 -0.13
C VAL A 698 -22.70 -7.08 -0.40
N SER A 699 -22.08 -6.08 0.22
CA SER A 699 -22.36 -4.71 -0.17
C SER A 699 -21.29 -4.26 -1.18
N ILE A 700 -21.76 -3.78 -2.33
CA ILE A 700 -20.93 -3.36 -3.47
C ILE A 700 -21.16 -1.88 -3.73
N GLU A 701 -20.08 -1.13 -3.78
CA GLU A 701 -20.12 0.30 -3.90
C GLU A 701 -20.25 0.72 -5.36
N GLU A 713 -23.53 -7.77 -14.12
CA GLU A 713 -24.95 -8.09 -14.06
C GLU A 713 -25.19 -9.54 -13.63
N PHE A 714 -24.56 -9.98 -12.53
CA PHE A 714 -24.51 -11.43 -12.16
C PHE A 714 -25.86 -12.01 -11.68
N SER A 715 -26.75 -12.23 -12.65
CA SER A 715 -28.16 -12.65 -12.45
C SER A 715 -28.40 -13.92 -11.62
N GLU A 716 -27.75 -15.02 -11.99
CA GLU A 716 -28.01 -16.35 -11.41
C GLU A 716 -27.31 -16.55 -10.05
N TYR A 717 -27.12 -15.46 -9.32
CA TYR A 717 -26.40 -15.49 -8.06
C TYR A 717 -27.31 -15.19 -6.86
N PRO A 718 -27.57 -16.20 -6.02
CA PRO A 718 -28.64 -16.04 -5.04
C PRO A 718 -28.24 -15.17 -3.82
N ASN A 719 -26.98 -15.21 -3.41
CA ASN A 719 -26.63 -14.50 -2.18
C ASN A 719 -26.89 -13.01 -2.39
N HIS A 720 -27.34 -12.33 -1.35
CA HIS A 720 -27.94 -11.02 -1.49
C HIS A 720 -26.90 -9.95 -1.65
N ILE A 721 -27.28 -8.86 -2.30
CA ILE A 721 -26.37 -7.76 -2.59
C ILE A 721 -26.99 -6.43 -2.19
N GLY A 722 -26.21 -5.57 -1.55
CA GLY A 722 -26.59 -4.16 -1.41
C GLY A 722 -25.73 -3.27 -2.27
N LEU A 723 -26.25 -2.83 -3.42
CA LEU A 723 -25.52 -1.89 -4.27
C LEU A 723 -25.58 -0.52 -3.57
N GLY A 724 -24.48 0.22 -3.58
CA GLY A 724 -24.36 1.44 -2.80
C GLY A 724 -25.06 2.54 -3.54
N LEU A 725 -25.86 3.32 -2.81
CA LEU A 725 -26.68 4.39 -3.39
C LEU A 725 -26.13 5.81 -3.13
N PHE A 726 -25.32 6.00 -2.09
CA PHE A 726 -24.84 7.35 -1.70
C PHE A 726 -23.32 7.39 -1.49
N PRO A 734 -28.83 14.35 -1.94
CA PRO A 734 -29.45 13.09 -2.36
C PRO A 734 -30.94 13.00 -1.97
N SER A 735 -31.82 13.07 -2.96
CA SER A 735 -33.27 13.12 -2.72
C SER A 735 -33.84 11.74 -2.42
N LYS A 736 -34.94 11.72 -1.68
CA LYS A 736 -35.77 10.52 -1.53
C LYS A 736 -36.17 9.99 -2.92
N GLN A 737 -36.45 10.91 -3.85
CA GLN A 737 -36.81 10.53 -5.21
C GLN A 737 -35.62 10.09 -6.06
N GLU A 738 -34.44 10.66 -5.82
CA GLU A 738 -33.20 10.21 -6.46
C GLU A 738 -32.93 8.77 -6.02
N PHE A 739 -33.12 8.53 -4.72
CA PHE A 739 -33.08 7.18 -4.15
C PHE A 739 -34.15 6.32 -4.83
N VAL A 740 -35.39 6.84 -4.87
CA VAL A 740 -36.52 6.13 -5.50
C VAL A 740 -36.23 5.81 -6.96
N SER A 741 -35.57 6.75 -7.65
CA SER A 741 -35.18 6.57 -9.06
C SER A 741 -34.13 5.47 -9.17
N ARG A 742 -32.97 5.70 -8.57
CA ARG A 742 -31.81 4.79 -8.68
C ARG A 742 -32.12 3.32 -8.30
N ILE A 743 -33.04 3.10 -7.36
CA ILE A 743 -33.46 1.73 -6.99
C ILE A 743 -34.37 1.15 -8.06
N GLU A 744 -35.37 1.94 -8.49
CA GLU A 744 -36.34 1.54 -9.53
C GLU A 744 -35.64 1.01 -10.78
N GLU A 745 -34.51 1.62 -11.13
CA GLU A 745 -33.79 1.28 -12.37
C GLU A 745 -32.94 0.03 -12.19
N ILE A 746 -32.42 -0.19 -10.97
CA ILE A 746 -31.69 -1.42 -10.59
C ILE A 746 -32.63 -2.61 -10.50
N LEU A 747 -33.92 -2.32 -10.32
CA LEU A 747 -34.98 -3.31 -10.41
C LEU A 747 -34.86 -4.11 -11.70
N LYS A 748 -34.71 -3.43 -12.84
CA LYS A 748 -34.72 -4.07 -14.16
C LYS A 748 -33.81 -5.29 -14.26
N PRO A 751 -33.74 -7.73 -9.21
CA PRO A 751 -34.38 -8.76 -8.37
C PRO A 751 -34.78 -8.22 -6.99
N ALA A 752 -36.00 -8.47 -6.54
CA ALA A 752 -36.57 -7.79 -5.36
C ALA A 752 -36.04 -8.34 -4.05
N SER A 753 -36.23 -9.65 -3.88
CA SER A 753 -35.83 -10.38 -2.65
C SER A 753 -34.33 -10.39 -2.37
N LYS A 754 -33.53 -9.86 -3.28
CA LYS A 754 -32.07 -9.96 -3.23
C LYS A 754 -31.40 -8.62 -2.85
N PHE A 755 -32.10 -7.49 -3.04
CA PHE A 755 -31.53 -6.16 -2.81
C PHE A 755 -31.59 -5.70 -1.35
N TRP A 756 -30.43 -5.39 -0.77
CA TRP A 756 -30.30 -4.62 0.46
C TRP A 756 -30.07 -3.19 0.02
N VAL A 757 -30.30 -2.22 0.90
CA VAL A 757 -29.97 -0.81 0.60
C VAL A 757 -29.01 -0.22 1.63
N ASN A 758 -27.97 0.44 1.14
CA ASN A 758 -26.94 0.99 2.01
C ASN A 758 -26.17 2.08 1.28
N PRO A 759 -25.45 2.93 2.02
CA PRO A 759 -24.61 3.98 1.44
C PRO A 759 -23.38 3.46 0.70
N ASP A 760 -22.40 4.32 0.41
CA ASP A 760 -21.24 3.90 -0.41
C ASP A 760 -20.08 3.43 0.42
N CYS A 761 -19.61 4.25 1.36
CA CYS A 761 -18.56 3.83 2.33
C CYS A 761 -18.38 4.79 3.51
N GLY A 762 -18.95 4.45 4.66
CA GLY A 762 -18.69 5.15 5.94
C GLY A 762 -18.98 6.64 5.93
N LEU A 763 -19.34 7.18 7.10
CA LEU A 763 -19.92 8.53 7.16
C LEU A 763 -19.44 9.36 8.37
N ARG A 766 -18.09 14.06 5.78
CA ARG A 766 -19.50 13.85 6.06
C ARG A 766 -19.86 14.36 7.46
N GLY A 767 -20.98 15.08 7.58
CA GLY A 767 -21.41 15.70 8.84
C GLY A 767 -22.82 15.27 9.27
N TRP A 768 -23.09 15.34 10.58
CA TRP A 768 -24.33 14.77 11.14
C TRP A 768 -25.59 15.12 10.35
N PRO A 769 -25.81 16.41 10.05
CA PRO A 769 -27.00 16.78 9.26
C PRO A 769 -27.07 16.11 7.88
N GLU A 770 -25.93 16.02 7.18
CA GLU A 770 -25.84 15.32 5.89
C GLU A 770 -26.17 13.81 6.03
N VAL A 771 -25.41 13.09 6.86
CA VAL A 771 -25.68 11.68 7.15
C VAL A 771 -27.15 11.43 7.54
N LYS A 772 -27.63 12.10 8.60
CA LYS A 772 -29.05 12.11 8.99
C LYS A 772 -29.99 12.23 7.80
N GLU A 773 -29.88 13.34 7.07
CA GLU A 773 -30.82 13.65 5.99
C GLU A 773 -30.74 12.58 4.92
N SER A 774 -29.51 12.18 4.60
CA SER A 774 -29.31 11.15 3.62
C SER A 774 -29.87 9.80 4.11
N LEU A 775 -29.34 9.29 5.22
CA LEU A 775 -29.86 8.06 5.83
C LEU A 775 -31.40 8.07 5.93
N THR A 776 -31.98 9.16 6.43
CA THR A 776 -33.44 9.25 6.55
C THR A 776 -34.15 9.23 5.19
N ASN A 777 -33.51 9.76 4.16
CA ASN A 777 -34.07 9.76 2.81
C ASN A 777 -33.99 8.36 2.19
N MET A 778 -32.88 7.66 2.47
CA MET A 778 -32.65 6.31 1.98
C MET A 778 -33.69 5.36 2.57
N VAL A 779 -33.93 5.47 3.87
CA VAL A 779 -34.95 4.62 4.54
C VAL A 779 -36.38 4.85 3.97
N GLU A 780 -36.82 6.10 3.91
CA GLU A 780 -38.11 6.47 3.30
C GLU A 780 -38.30 5.80 1.93
N ALA A 781 -37.25 5.85 1.10
CA ALA A 781 -37.26 5.24 -0.22
C ALA A 781 -37.43 3.72 -0.15
N ALA A 782 -36.72 3.08 0.77
CA ALA A 782 -36.87 1.65 0.98
C ALA A 782 -38.32 1.27 1.35
N LYS A 783 -38.99 2.13 2.12
CA LYS A 783 -40.37 1.87 2.56
C LYS A 783 -41.44 1.94 1.47
N GLU A 784 -41.30 2.89 0.54
CA GLU A 784 -42.20 2.96 -0.61
C GLU A 784 -42.29 1.57 -1.26
N PHE A 785 -41.12 1.04 -1.62
CA PHE A 785 -41.01 -0.27 -2.27
C PHE A 785 -41.61 -1.43 -1.47
N ARG A 786 -41.67 -1.29 -0.15
CA ARG A 786 -42.40 -2.24 0.72
C ARG A 786 -43.91 -2.04 0.60
ZN ZN B . -16.15 1.18 0.62
N1 C2F C . -2.35 0.66 5.58
C2 C2F C . -2.59 0.61 6.92
NA2 C2F C . -1.71 -0.06 7.73
N3 C2F C . -3.69 1.20 7.46
C4 C2F C . -4.59 1.88 6.72
O4 C2F C . -5.59 2.40 7.24
C4A C2F C . -4.39 1.99 5.26
N5 C2F C . -5.22 2.67 4.37
C6 C2F C . -4.63 3.11 3.10
C7 C2F C . -3.95 1.90 2.48
N8 C2F C . -2.96 1.35 3.41
C8A C2F C . -3.18 1.31 4.73
C9 C2F C . -3.58 4.21 3.36
N10 C2F C . -4.24 5.44 3.72
C11 C2F C . -6.63 2.92 4.64
C12 C2F C . -3.32 7.72 7.06
C13 C2F C . -4.46 7.98 6.27
C14 C2F C . -4.75 7.22 5.16
C15 C2F C . -3.90 6.18 4.79
C16 C2F C . -2.77 5.91 5.56
C17 C2F C . -2.48 6.69 6.68
C C2F C . -3.05 8.61 8.25
O C2F C . -3.90 9.45 8.51
N C2F C . -1.92 8.56 8.95
CA C2F C . -1.63 9.52 10.00
CB C2F C . -1.09 8.76 11.18
CG C2F C . -2.23 8.00 11.85
CD C2F C . -1.63 7.44 13.09
OE1 C2F C . -1.09 6.23 13.04
OE2 C2F C . -1.59 8.10 14.13
CT C2F C . -0.71 10.63 9.61
O1 C2F C . -1.07 11.80 9.79
O2 C2F C . 0.51 10.36 9.09
#